data_2L7S
#
_entry.id   2L7S
#
_entity_poly.entity_id   1
_entity_poly.type   'polypeptide(L)'
_entity_poly.pdbx_seq_one_letter_code
;YRQSMNNFQGLRSFGCRFGTCTVQKLAHQIYQFTDKDKDNVAPRSKISPQGY(NH2)
;
_entity_poly.pdbx_strand_id   A
#
loop_
_chem_comp.id
_chem_comp.type
_chem_comp.name
_chem_comp.formula
NH2 non-polymer 'AMINO GROUP' 'H2 N'
#
# COMPACT_ATOMS: atom_id res chain seq x y z
N TYR A 1 -13.20 -8.10 18.19
CA TYR A 1 -12.05 -8.54 17.42
C TYR A 1 -12.34 -8.48 15.92
N ARG A 2 -11.29 -8.35 15.12
CA ARG A 2 -11.43 -8.27 13.68
C ARG A 2 -10.36 -9.10 12.98
N GLN A 3 -10.57 -9.38 11.69
CA GLN A 3 -9.62 -10.16 10.92
C GLN A 3 -9.50 -9.62 9.50
N SER A 4 -8.82 -10.37 8.64
CA SER A 4 -8.63 -9.97 7.25
C SER A 4 -9.97 -9.66 6.59
N MET A 5 -9.92 -8.90 5.49
CA MET A 5 -11.13 -8.54 4.76
C MET A 5 -11.33 -9.44 3.55
N ASN A 6 -10.22 -9.81 2.91
CA ASN A 6 -10.28 -10.67 1.73
C ASN A 6 -8.87 -10.95 1.20
N ASN A 7 -8.81 -11.55 0.01
CA ASN A 7 -7.53 -11.87 -0.60
C ASN A 7 -7.74 -12.46 -2.00
N PHE A 8 -6.95 -11.96 -2.96
CA PHE A 8 -7.04 -12.43 -4.34
C PHE A 8 -6.04 -11.71 -5.23
N GLN A 9 -6.09 -12.00 -6.52
CA GLN A 9 -5.18 -11.38 -7.48
C GLN A 9 -5.45 -9.88 -7.60
N GLY A 10 -6.73 -9.53 -7.70
CA GLY A 10 -7.11 -8.13 -7.82
C GLY A 10 -8.42 -7.94 -8.56
N LEU A 11 -9.52 -8.24 -7.89
CA LEU A 11 -10.85 -8.11 -8.48
C LEU A 11 -11.62 -6.95 -7.84
N ARG A 12 -11.67 -6.94 -6.52
CA ARG A 12 -12.37 -5.89 -5.79
C ARG A 12 -11.38 -4.90 -5.18
N SER A 13 -10.16 -4.92 -5.69
CA SER A 13 -9.11 -4.02 -5.19
C SER A 13 -9.04 -2.75 -6.03
N PHE A 14 -10.20 -2.28 -6.48
CA PHE A 14 -10.27 -1.07 -7.29
C PHE A 14 -11.72 -0.75 -7.65
N GLY A 15 -12.00 0.54 -7.82
CA GLY A 15 -13.35 0.97 -8.16
C GLY A 15 -13.43 2.43 -8.54
N CYS A 16 -12.57 3.24 -7.92
CA CYS A 16 -12.54 4.67 -8.18
C CYS A 16 -11.18 5.10 -8.74
N ARG A 17 -11.20 5.88 -9.80
CA ARG A 17 -9.97 6.35 -10.44
C ARG A 17 -9.10 7.11 -9.43
N PHE A 18 -9.75 7.82 -8.52
CA PHE A 18 -9.03 8.58 -7.51
C PHE A 18 -9.93 8.88 -6.31
N GLY A 19 -9.36 8.81 -5.11
CA GLY A 19 -10.12 9.07 -3.90
C GLY A 19 -9.65 8.24 -2.73
N THR A 20 -10.49 7.31 -2.28
CA THR A 20 -10.15 6.45 -1.15
C THR A 20 -10.02 5.00 -1.59
N CYS A 21 -9.80 4.79 -2.89
CA CYS A 21 -9.66 3.44 -3.43
C CYS A 21 -8.95 3.47 -4.78
N THR A 22 -7.80 4.12 -4.82
CA THR A 22 -7.02 4.23 -6.05
C THR A 22 -5.63 3.62 -5.88
N VAL A 23 -4.84 3.65 -6.94
CA VAL A 23 -3.48 3.11 -6.91
C VAL A 23 -2.70 3.66 -5.73
N GLN A 24 -3.00 4.89 -5.34
CA GLN A 24 -2.33 5.53 -4.22
C GLN A 24 -2.72 4.87 -2.90
N LYS A 25 -4.01 4.64 -2.71
CA LYS A 25 -4.52 4.01 -1.50
C LYS A 25 -4.21 2.52 -1.49
N LEU A 26 -4.01 1.96 -2.68
CA LEU A 26 -3.71 0.53 -2.82
C LEU A 26 -2.22 0.27 -2.61
N ALA A 27 -1.39 1.13 -3.20
CA ALA A 27 0.06 0.99 -3.08
C ALA A 27 0.49 1.05 -1.62
N HIS A 28 -0.37 1.58 -0.76
CA HIS A 28 -0.07 1.69 0.65
C HIS A 28 0.36 0.35 1.22
N GLN A 29 -0.13 -0.73 0.62
CA GLN A 29 0.20 -2.08 1.07
C GLN A 29 1.30 -2.68 0.18
N ILE A 30 1.44 -2.16 -1.02
CA ILE A 30 2.44 -2.65 -1.96
C ILE A 30 3.82 -2.66 -1.32
N TYR A 31 4.08 -1.69 -0.47
CA TYR A 31 5.37 -1.58 0.21
C TYR A 31 5.25 -2.01 1.67
N GLN A 32 4.17 -2.70 2.00
CA GLN A 32 3.95 -3.16 3.36
C GLN A 32 4.37 -4.62 3.51
N PHE A 33 4.26 -5.39 2.43
CA PHE A 33 4.64 -6.79 2.46
C PHE A 33 6.09 -6.97 2.04
N THR A 34 6.69 -5.92 1.49
CA THR A 34 8.07 -5.96 1.05
C THR A 34 8.89 -4.86 1.73
N ASP A 35 8.33 -3.67 1.82
CA ASP A 35 9.00 -2.54 2.44
C ASP A 35 10.39 -2.35 1.85
N LYS A 36 10.46 -2.30 0.52
CA LYS A 36 11.73 -2.12 -0.18
C LYS A 36 12.25 -0.69 0.01
N ASP A 37 11.33 0.27 -0.04
CA ASP A 37 11.69 1.68 0.11
C ASP A 37 11.09 2.25 1.39
N LYS A 38 11.56 3.44 1.77
CA LYS A 38 11.07 4.10 2.97
C LYS A 38 11.20 5.62 2.85
N ASP A 39 10.27 6.34 3.47
CA ASP A 39 10.28 7.79 3.44
C ASP A 39 10.07 8.37 4.83
N ASN A 40 10.71 7.77 5.82
CA ASN A 40 10.59 8.23 7.20
C ASN A 40 9.16 8.09 7.70
N VAL A 41 8.59 6.90 7.53
CA VAL A 41 7.22 6.63 7.96
C VAL A 41 6.96 5.14 8.09
N ALA A 42 6.14 4.77 9.07
CA ALA A 42 5.82 3.37 9.31
C ALA A 42 4.42 3.22 9.89
N PRO A 43 3.85 2.01 9.76
CA PRO A 43 2.50 1.72 10.26
C PRO A 43 2.45 1.69 11.79
N ARG A 44 3.56 1.31 12.40
CA ARG A 44 3.64 1.25 13.85
C ARG A 44 3.82 2.64 14.46
N SER A 45 4.62 3.46 13.80
CA SER A 45 4.89 4.82 14.27
C SER A 45 3.61 5.65 14.25
N LYS A 46 2.83 5.50 13.19
CA LYS A 46 1.58 6.25 13.04
C LYS A 46 0.54 5.77 14.05
N ILE A 47 0.01 4.57 13.82
CA ILE A 47 -0.99 4.00 14.72
C ILE A 47 -0.39 2.85 15.54
N SER A 48 -1.07 2.50 16.64
CA SER A 48 -0.61 1.43 17.50
C SER A 48 -1.80 0.61 18.02
N PRO A 49 -2.39 -0.20 17.14
CA PRO A 49 -3.54 -1.05 17.48
C PRO A 49 -3.15 -2.19 18.43
N GLN A 50 -1.87 -2.53 18.42
CA GLN A 50 -1.37 -3.62 19.27
C GLN A 50 -2.06 -4.94 18.93
N GLY A 51 -2.08 -5.26 17.65
CA GLY A 51 -2.71 -6.50 17.21
C GLY A 51 -4.13 -6.65 17.73
N TYR A 52 -5.06 -5.93 17.11
CA TYR A 52 -6.46 -5.98 17.52
C TYR A 52 -7.33 -6.53 16.39
N NH2 A 53 -6.70 -7.20 15.44
HN1 NH2 A 53 -5.71 -7.34 15.49
HN2 NH2 A 53 -7.22 -7.59 14.68
N TYR A 1 -6.24 -5.54 7.91
CA TYR A 1 -7.18 -5.45 9.03
C TYR A 1 -8.20 -4.34 8.79
N ARG A 2 -7.71 -3.21 8.29
CA ARG A 2 -8.57 -2.07 8.02
C ARG A 2 -8.04 -1.25 6.85
N GLN A 3 -6.73 -0.97 6.86
CA GLN A 3 -6.10 -0.20 5.81
C GLN A 3 -6.43 -0.79 4.43
N SER A 4 -6.15 -2.07 4.26
CA SER A 4 -6.41 -2.75 3.00
C SER A 4 -6.37 -4.27 3.17
N MET A 5 -7.06 -4.97 2.28
CA MET A 5 -7.09 -6.43 2.34
C MET A 5 -7.53 -7.02 1.00
N ASN A 6 -7.06 -8.23 0.71
CA ASN A 6 -7.40 -8.89 -0.54
C ASN A 6 -6.95 -10.35 -0.52
N ASN A 7 -7.61 -11.18 -1.32
CA ASN A 7 -7.30 -12.60 -1.39
C ASN A 7 -7.32 -13.10 -2.83
N PHE A 8 -6.82 -12.27 -3.74
CA PHE A 8 -6.80 -12.62 -5.16
C PHE A 8 -5.82 -11.72 -5.92
N GLN A 9 -5.76 -11.91 -7.24
CA GLN A 9 -4.87 -11.12 -8.07
C GLN A 9 -5.15 -9.63 -7.92
N GLY A 10 -6.43 -9.26 -7.97
CA GLY A 10 -6.81 -7.87 -7.84
C GLY A 10 -8.08 -7.54 -8.59
N LEU A 11 -9.04 -8.46 -8.56
CA LEU A 11 -10.31 -8.25 -9.24
C LEU A 11 -11.08 -7.08 -8.64
N ARG A 12 -11.32 -7.15 -7.33
CA ARG A 12 -12.04 -6.09 -6.63
C ARG A 12 -11.08 -5.14 -5.92
N SER A 13 -9.85 -5.06 -6.45
CA SER A 13 -8.83 -4.20 -5.86
C SER A 13 -8.78 -2.85 -6.57
N PHE A 14 -9.94 -2.39 -7.01
CA PHE A 14 -10.04 -1.11 -7.71
C PHE A 14 -11.48 -0.81 -8.11
N GLY A 15 -11.82 0.47 -8.16
CA GLY A 15 -13.17 0.87 -8.52
C GLY A 15 -13.29 2.36 -8.77
N CYS A 16 -12.50 3.14 -8.04
CA CYS A 16 -12.52 4.59 -8.18
C CYS A 16 -11.18 5.11 -8.72
N ARG A 17 -11.25 6.02 -9.68
CA ARG A 17 -10.05 6.59 -10.27
C ARG A 17 -9.15 7.22 -9.19
N PHE A 18 -9.76 8.02 -8.32
CA PHE A 18 -9.03 8.68 -7.25
C PHE A 18 -9.92 8.91 -6.03
N GLY A 19 -9.31 8.94 -4.86
CA GLY A 19 -10.07 9.15 -3.63
C GLY A 19 -9.49 8.36 -2.46
N THR A 20 -10.16 7.27 -2.10
CA THR A 20 -9.72 6.44 -0.99
C THR A 20 -9.45 5.00 -1.44
N CYS A 21 -9.77 4.73 -2.71
CA CYS A 21 -9.55 3.40 -3.26
C CYS A 21 -8.82 3.48 -4.59
N THR A 22 -7.69 4.18 -4.59
CA THR A 22 -6.88 4.34 -5.81
C THR A 22 -5.50 3.73 -5.62
N VAL A 23 -4.71 3.75 -6.69
CA VAL A 23 -3.35 3.21 -6.64
C VAL A 23 -2.57 3.77 -5.46
N GLN A 24 -2.88 5.01 -5.09
CA GLN A 24 -2.21 5.66 -3.97
C GLN A 24 -2.61 5.03 -2.64
N LYS A 25 -3.89 4.66 -2.54
CA LYS A 25 -4.40 4.03 -1.33
C LYS A 25 -4.13 2.53 -1.32
N LEU A 26 -3.86 1.98 -2.50
CA LEU A 26 -3.57 0.56 -2.64
C LEU A 26 -2.09 0.28 -2.45
N ALA A 27 -1.25 1.09 -3.10
CA ALA A 27 0.19 0.92 -2.99
C ALA A 27 0.65 1.02 -1.55
N HIS A 28 -0.18 1.61 -0.70
CA HIS A 28 0.15 1.76 0.72
C HIS A 28 0.55 0.42 1.33
N GLN A 29 0.03 -0.66 0.76
CA GLN A 29 0.31 -2.00 1.25
C GLN A 29 1.36 -2.69 0.37
N ILE A 30 1.50 -2.19 -0.86
CA ILE A 30 2.47 -2.76 -1.79
C ILE A 30 3.86 -2.82 -1.18
N TYR A 31 4.17 -1.84 -0.33
CA TYR A 31 5.47 -1.78 0.32
C TYR A 31 5.37 -2.18 1.78
N GLN A 32 4.27 -2.84 2.13
CA GLN A 32 4.04 -3.27 3.51
C GLN A 32 4.41 -4.75 3.68
N PHE A 33 4.26 -5.51 2.60
CA PHE A 33 4.58 -6.94 2.64
C PHE A 33 6.03 -7.19 2.20
N THR A 34 6.63 -6.18 1.59
CA THR A 34 8.00 -6.29 1.11
C THR A 34 8.89 -5.23 1.76
N ASP A 35 8.38 -4.01 1.85
CA ASP A 35 9.12 -2.91 2.44
C ASP A 35 10.47 -2.72 1.74
N LYS A 36 10.41 -2.40 0.45
CA LYS A 36 11.62 -2.19 -0.34
C LYS A 36 12.42 -1.01 0.20
N ASP A 37 11.71 0.06 0.55
CA ASP A 37 12.36 1.26 1.08
C ASP A 37 13.29 0.91 2.24
N LYS A 38 14.11 1.88 2.64
CA LYS A 38 15.05 1.67 3.74
C LYS A 38 14.32 1.17 4.99
N ASP A 39 13.64 2.09 5.67
CA ASP A 39 12.90 1.75 6.88
C ASP A 39 13.82 1.10 7.91
N ASN A 40 14.96 1.73 8.16
CA ASN A 40 15.93 1.20 9.12
C ASN A 40 16.23 -0.27 8.84
N VAL A 41 16.48 -0.58 7.56
CA VAL A 41 16.79 -1.95 7.17
C VAL A 41 18.27 -2.25 7.35
N ALA A 42 18.57 -3.48 7.74
CA ALA A 42 19.95 -3.91 7.95
C ALA A 42 20.67 -4.13 6.63
N PRO A 43 22.01 -4.11 6.67
CA PRO A 43 22.84 -4.31 5.48
C PRO A 43 22.77 -5.73 4.95
N ARG A 44 22.81 -6.70 5.86
CA ARG A 44 22.75 -8.11 5.49
C ARG A 44 21.53 -8.40 4.61
N SER A 45 20.46 -7.64 4.86
CA SER A 45 19.22 -7.82 4.10
C SER A 45 19.02 -6.67 3.12
N LYS A 46 19.98 -6.47 2.23
CA LYS A 46 19.92 -5.41 1.25
C LYS A 46 19.83 -5.97 -0.16
N ILE A 47 18.71 -6.63 -0.48
CA ILE A 47 18.52 -7.21 -1.79
C ILE A 47 17.08 -7.01 -2.26
N SER A 48 16.87 -7.16 -3.57
CA SER A 48 15.55 -6.98 -4.16
C SER A 48 15.38 -7.86 -5.39
N PRO A 49 15.24 -9.18 -5.17
CA PRO A 49 15.08 -10.15 -6.27
C PRO A 49 13.72 -10.01 -6.96
N GLN A 50 12.78 -9.34 -6.29
CA GLN A 50 11.45 -9.15 -6.85
C GLN A 50 10.76 -10.49 -7.09
N GLY A 51 10.16 -11.03 -6.04
CA GLY A 51 9.47 -12.31 -6.17
C GLY A 51 8.44 -12.30 -7.28
N TYR A 52 8.78 -12.91 -8.41
CA TYR A 52 7.87 -12.98 -9.55
C TYR A 52 6.92 -14.16 -9.43
N NH2 A 53 5.83 -14.11 -10.16
HN1 NH2 A 53 5.66 -13.32 -10.76
HN2 NH2 A 53 5.16 -14.85 -10.13
N TYR A 1 -16.48 -14.65 4.25
CA TYR A 1 -17.30 -14.45 5.45
C TYR A 1 -16.48 -14.74 6.71
N ARG A 2 -15.77 -15.86 6.70
CA ARG A 2 -14.95 -16.25 7.84
C ARG A 2 -13.66 -16.94 7.38
N GLN A 3 -13.80 -18.16 6.86
CA GLN A 3 -12.66 -18.92 6.38
C GLN A 3 -11.83 -18.11 5.39
N SER A 4 -10.58 -18.49 5.21
CA SER A 4 -9.69 -17.80 4.29
C SER A 4 -10.26 -17.79 2.88
N MET A 5 -9.64 -17.01 2.00
CA MET A 5 -10.08 -16.92 0.62
C MET A 5 -8.95 -16.44 -0.29
N ASN A 6 -8.62 -17.26 -1.28
CA ASN A 6 -7.54 -16.93 -2.22
C ASN A 6 -7.84 -15.61 -2.94
N ASN A 7 -6.97 -15.25 -3.88
CA ASN A 7 -7.15 -14.02 -4.64
C ASN A 7 -6.28 -14.03 -5.89
N PHE A 8 -6.90 -13.73 -7.04
CA PHE A 8 -6.18 -13.71 -8.31
C PHE A 8 -5.00 -12.74 -8.25
N GLN A 9 -4.32 -12.59 -9.38
CA GLN A 9 -3.17 -11.70 -9.47
C GLN A 9 -3.60 -10.25 -9.33
N GLY A 10 -4.44 -9.79 -10.25
CA GLY A 10 -4.92 -8.42 -10.21
C GLY A 10 -5.71 -8.05 -11.45
N LEU A 11 -6.95 -8.53 -11.53
CA LEU A 11 -7.80 -8.25 -12.68
C LEU A 11 -8.95 -7.33 -12.28
N ARG A 12 -9.63 -7.68 -11.19
CA ARG A 12 -10.75 -6.87 -10.71
C ARG A 12 -10.33 -6.01 -9.53
N SER A 13 -9.02 -5.90 -9.33
CA SER A 13 -8.49 -5.10 -8.23
C SER A 13 -8.49 -3.61 -8.57
N PHE A 14 -9.68 -3.09 -8.89
CA PHE A 14 -9.81 -1.68 -9.25
C PHE A 14 -11.27 -1.35 -9.55
N GLY A 15 -11.66 -0.11 -9.28
CA GLY A 15 -13.02 0.32 -9.53
C GLY A 15 -13.21 1.81 -9.35
N CYS A 16 -12.43 2.39 -8.44
CA CYS A 16 -12.51 3.83 -8.17
C CYS A 16 -11.23 4.53 -8.59
N ARG A 17 -11.36 5.50 -9.49
CA ARG A 17 -10.22 6.26 -9.98
C ARG A 17 -9.43 6.86 -8.83
N PHE A 18 -9.97 7.91 -8.22
CA PHE A 18 -9.32 8.57 -7.10
C PHE A 18 -10.36 9.12 -6.11
N GLY A 19 -9.87 9.76 -5.05
CA GLY A 19 -10.76 10.31 -4.06
C GLY A 19 -10.55 9.70 -2.68
N THR A 20 -11.09 8.49 -2.49
CA THR A 20 -10.96 7.79 -1.22
C THR A 20 -10.18 6.49 -1.38
N CYS A 21 -10.10 6.00 -2.61
CA CYS A 21 -9.38 4.77 -2.90
C CYS A 21 -8.73 4.83 -4.28
N THR A 22 -7.50 4.36 -4.37
CA THR A 22 -6.76 4.36 -5.62
C THR A 22 -5.40 3.69 -5.47
N VAL A 23 -4.67 3.60 -6.58
CA VAL A 23 -3.35 2.97 -6.57
C VAL A 23 -2.47 3.55 -5.46
N GLN A 24 -2.69 4.82 -5.15
CA GLN A 24 -1.93 5.51 -4.11
C GLN A 24 -2.26 4.95 -2.74
N LYS A 25 -3.55 4.77 -2.47
CA LYS A 25 -4.00 4.24 -1.18
C LYS A 25 -3.79 2.73 -1.12
N LEU A 26 -3.72 2.09 -2.28
CA LEU A 26 -3.52 0.65 -2.35
C LEU A 26 -2.04 0.30 -2.23
N ALA A 27 -1.19 1.09 -2.86
CA ALA A 27 0.25 0.87 -2.82
C ALA A 27 0.77 0.94 -1.38
N HIS A 28 -0.02 1.54 -0.51
CA HIS A 28 0.36 1.67 0.90
C HIS A 28 0.75 0.32 1.49
N GLN A 29 0.16 -0.74 0.94
CA GLN A 29 0.44 -2.10 1.42
C GLN A 29 1.44 -2.79 0.51
N ILE A 30 1.56 -2.31 -0.73
CA ILE A 30 2.48 -2.89 -1.69
C ILE A 30 3.89 -2.97 -1.12
N TYR A 31 4.26 -1.97 -0.32
CA TYR A 31 5.59 -1.93 0.29
C TYR A 31 5.51 -2.30 1.77
N GLN A 32 4.42 -2.96 2.16
CA GLN A 32 4.23 -3.37 3.54
C GLN A 32 4.57 -4.85 3.72
N PHE A 33 4.37 -5.62 2.66
CA PHE A 33 4.65 -7.06 2.69
C PHE A 33 6.06 -7.35 2.21
N THR A 34 6.69 -6.34 1.60
CA THR A 34 8.04 -6.49 1.10
C THR A 34 8.99 -5.47 1.72
N ASP A 35 8.47 -4.28 1.99
CA ASP A 35 9.27 -3.23 2.60
C ASP A 35 10.57 -3.02 1.84
N LYS A 36 10.45 -2.69 0.56
CA LYS A 36 11.62 -2.47 -0.29
C LYS A 36 12.20 -1.07 -0.07
N ASP A 37 11.32 -0.10 0.15
CA ASP A 37 11.72 1.27 0.37
C ASP A 37 12.44 1.84 -0.85
N LYS A 38 12.11 1.30 -2.02
CA LYS A 38 12.70 1.74 -3.27
C LYS A 38 12.38 3.21 -3.53
N ASP A 39 12.64 3.66 -4.76
CA ASP A 39 12.36 5.03 -5.14
C ASP A 39 10.89 5.23 -5.48
N ASN A 40 10.26 4.18 -6.01
CA ASN A 40 8.86 4.24 -6.38
C ASN A 40 8.63 5.26 -7.50
N VAL A 41 8.69 4.78 -8.74
CA VAL A 41 8.49 5.64 -9.89
C VAL A 41 7.04 5.59 -10.38
N ALA A 42 6.53 6.73 -10.82
CA ALA A 42 5.16 6.83 -11.30
C ALA A 42 5.11 7.48 -12.69
N PRO A 43 4.03 7.20 -13.42
CA PRO A 43 3.83 7.75 -14.77
C PRO A 43 3.57 9.26 -14.76
N ARG A 44 2.80 9.70 -13.77
CA ARG A 44 2.46 11.11 -13.64
C ARG A 44 3.58 11.87 -12.92
N SER A 45 4.02 11.33 -11.79
CA SER A 45 5.08 11.95 -11.01
C SER A 45 4.76 13.41 -10.72
N LYS A 46 3.49 13.68 -10.44
CA LYS A 46 3.03 15.04 -10.13
C LYS A 46 2.13 15.04 -8.91
N ILE A 47 2.74 15.23 -7.74
CA ILE A 47 1.98 15.28 -6.48
C ILE A 47 2.03 16.66 -5.86
N SER A 48 1.10 16.92 -4.94
CA SER A 48 1.03 18.21 -4.28
C SER A 48 0.62 18.05 -2.81
N PRO A 49 1.52 17.44 -2.01
CA PRO A 49 1.28 17.21 -0.59
C PRO A 49 1.28 18.49 0.22
N GLN A 50 2.26 19.36 -0.05
CA GLN A 50 2.37 20.63 0.66
C GLN A 50 2.49 20.41 2.16
N GLY A 51 2.94 19.22 2.54
CA GLY A 51 3.10 18.90 3.95
C GLY A 51 4.55 18.89 4.39
N TYR A 52 5.21 20.03 4.25
CA TYR A 52 6.62 20.14 4.62
C TYR A 52 6.80 21.20 5.71
N NH2 A 53 8.05 21.38 6.14
HN1 NH2 A 53 8.79 20.84 5.76
HN2 NH2 A 53 8.23 22.06 6.85
N TYR A 1 -4.35 -19.17 -6.28
CA TYR A 1 -3.28 -18.89 -7.23
C TYR A 1 -3.60 -19.48 -8.60
N ARG A 2 -4.13 -20.70 -8.62
CA ARG A 2 -4.48 -21.36 -9.86
C ARG A 2 -5.68 -22.29 -9.66
N GLN A 3 -5.68 -23.02 -8.56
CA GLN A 3 -6.77 -23.93 -8.25
C GLN A 3 -8.11 -23.21 -8.26
N SER A 4 -8.27 -22.27 -7.33
CA SER A 4 -9.51 -21.50 -7.22
C SER A 4 -9.51 -20.33 -8.19
N MET A 5 -10.62 -19.61 -8.25
CA MET A 5 -10.75 -18.47 -9.14
C MET A 5 -10.58 -17.15 -8.36
N ASN A 6 -11.55 -16.84 -7.53
CA ASN A 6 -11.51 -15.61 -6.73
C ASN A 6 -12.46 -15.70 -5.54
N ASN A 7 -12.16 -14.94 -4.50
CA ASN A 7 -13.01 -14.93 -3.30
C ASN A 7 -14.44 -14.54 -3.65
N PHE A 8 -14.57 -13.59 -4.58
CA PHE A 8 -15.90 -13.13 -4.99
C PHE A 8 -15.87 -12.68 -6.46
N GLN A 9 -16.99 -12.14 -6.93
CA GLN A 9 -17.10 -11.68 -8.30
C GLN A 9 -16.31 -10.39 -8.51
N GLY A 10 -16.76 -9.31 -7.88
CA GLY A 10 -16.09 -8.03 -8.00
C GLY A 10 -16.74 -6.94 -7.18
N LEU A 11 -16.46 -6.93 -5.88
CA LEU A 11 -17.03 -5.93 -4.99
C LEU A 11 -15.94 -5.01 -4.44
N ARG A 12 -14.87 -5.62 -3.93
CA ARG A 12 -13.76 -4.84 -3.38
C ARG A 12 -12.63 -4.70 -4.39
N SER A 13 -12.89 -5.14 -5.62
CA SER A 13 -11.90 -5.07 -6.69
C SER A 13 -11.44 -3.63 -6.90
N PHE A 14 -12.30 -2.82 -7.52
CA PHE A 14 -11.99 -1.42 -7.78
C PHE A 14 -13.15 -0.74 -8.51
N GLY A 15 -13.36 0.53 -8.19
CA GLY A 15 -14.43 1.28 -8.82
C GLY A 15 -14.30 2.78 -8.61
N CYS A 16 -13.09 3.22 -8.30
CA CYS A 16 -12.83 4.64 -8.06
C CYS A 16 -11.42 5.01 -8.50
N ARG A 17 -11.32 5.94 -9.44
CA ARG A 17 -10.02 6.38 -9.94
C ARG A 17 -9.20 7.02 -8.83
N PHE A 18 -9.67 8.14 -8.31
CA PHE A 18 -8.99 8.85 -7.24
C PHE A 18 -9.95 9.22 -6.11
N GLY A 19 -9.46 9.19 -4.88
CA GLY A 19 -10.30 9.53 -3.74
C GLY A 19 -10.35 8.43 -2.71
N THR A 20 -11.51 7.79 -2.59
CA THR A 20 -11.69 6.71 -1.63
C THR A 20 -10.70 5.58 -1.89
N CYS A 21 -10.36 5.38 -3.15
CA CYS A 21 -9.43 4.32 -3.54
C CYS A 21 -8.67 4.71 -4.81
N THR A 22 -7.42 4.27 -4.89
CA THR A 22 -6.57 4.57 -6.04
C THR A 22 -5.23 3.87 -5.94
N VAL A 23 -4.40 4.02 -6.97
CA VAL A 23 -3.07 3.43 -6.99
C VAL A 23 -2.30 3.75 -5.71
N GLN A 24 -2.56 4.94 -5.16
CA GLN A 24 -1.89 5.37 -3.95
C GLN A 24 -2.34 4.54 -2.75
N LYS A 25 -3.61 4.65 -2.41
CA LYS A 25 -4.16 3.90 -1.28
C LYS A 25 -3.85 2.43 -1.40
N LEU A 26 -3.73 1.95 -2.63
CA LEU A 26 -3.43 0.54 -2.89
C LEU A 26 -1.95 0.25 -2.68
N ALA A 27 -1.10 1.05 -3.31
CA ALA A 27 0.34 0.89 -3.19
C ALA A 27 0.78 0.98 -1.73
N HIS A 28 -0.06 1.57 -0.89
CA HIS A 28 0.24 1.71 0.52
C HIS A 28 0.62 0.37 1.14
N GLN A 29 0.09 -0.70 0.57
CA GLN A 29 0.39 -2.06 1.06
C GLN A 29 1.44 -2.73 0.20
N ILE A 30 1.62 -2.24 -1.02
CA ILE A 30 2.60 -2.79 -1.94
C ILE A 30 3.98 -2.83 -1.31
N TYR A 31 4.27 -1.85 -0.46
CA TYR A 31 5.56 -1.77 0.21
C TYR A 31 5.43 -2.14 1.68
N GLN A 32 4.32 -2.78 2.03
CA GLN A 32 4.07 -3.19 3.41
C GLN A 32 4.46 -4.65 3.62
N PHE A 33 4.32 -5.45 2.57
CA PHE A 33 4.66 -6.87 2.64
C PHE A 33 6.12 -7.10 2.26
N THR A 34 6.77 -6.04 1.79
CA THR A 34 8.16 -6.14 1.38
C THR A 34 9.02 -5.11 2.12
N ASP A 35 8.79 -3.84 1.84
CA ASP A 35 9.55 -2.76 2.48
C ASP A 35 11.05 -3.01 2.38
N LYS A 36 11.64 -2.53 1.30
CA LYS A 36 13.08 -2.71 1.08
C LYS A 36 13.83 -1.41 1.36
N ASP A 37 15.05 -1.53 1.87
CA ASP A 37 15.87 -0.37 2.18
C ASP A 37 17.30 -0.57 1.70
N LYS A 38 18.18 0.33 2.11
CA LYS A 38 19.59 0.26 1.71
C LYS A 38 20.45 1.16 2.60
N ASP A 39 21.76 1.04 2.45
CA ASP A 39 22.70 1.84 3.23
C ASP A 39 23.07 3.12 2.48
N ASN A 40 22.07 3.79 1.94
CA ASN A 40 22.30 5.03 1.19
C ASN A 40 21.64 6.21 1.90
N VAL A 41 21.48 6.10 3.21
CA VAL A 41 20.86 7.17 4.00
C VAL A 41 21.54 7.30 5.36
N ALA A 42 21.63 8.53 5.86
CA ALA A 42 22.26 8.78 7.14
C ALA A 42 21.62 9.98 7.83
N PRO A 43 21.79 10.08 9.16
CA PRO A 43 21.24 11.18 9.95
C PRO A 43 21.93 12.51 9.68
N ARG A 44 23.10 12.43 9.06
CA ARG A 44 23.86 13.64 8.73
C ARG A 44 23.61 14.06 7.28
N SER A 45 23.27 13.09 6.44
CA SER A 45 23.02 13.37 5.02
C SER A 45 21.64 13.99 4.83
N LYS A 46 20.69 13.57 5.66
CA LYS A 46 19.32 14.09 5.59
C LYS A 46 19.24 15.49 6.17
N ILE A 47 19.49 15.61 7.47
CA ILE A 47 19.45 16.90 8.14
C ILE A 47 20.72 17.13 8.96
N SER A 48 20.97 18.39 9.30
CA SER A 48 22.15 18.75 10.08
C SER A 48 21.76 19.59 11.30
N PRO A 49 21.08 18.96 12.26
CA PRO A 49 20.65 19.62 13.49
C PRO A 49 21.80 19.97 14.41
N GLN A 50 22.99 19.51 14.05
CA GLN A 50 24.19 19.77 14.85
C GLN A 50 24.31 21.25 15.17
N GLY A 51 24.10 22.09 14.15
CA GLY A 51 24.20 23.52 14.35
C GLY A 51 22.99 24.09 15.07
N TYR A 52 23.15 24.38 16.35
CA TYR A 52 22.07 24.93 17.16
C TYR A 52 22.06 26.46 17.09
N NH2 A 53 21.06 27.07 17.71
HN1 NH2 A 53 20.35 26.53 18.17
HN2 NH2 A 53 20.99 28.06 17.70
N TYR A 1 -14.90 -29.11 2.53
CA TYR A 1 -13.60 -29.06 1.88
C TYR A 1 -13.17 -27.61 1.65
N ARG A 2 -11.86 -27.40 1.55
CA ARG A 2 -11.31 -26.06 1.35
C ARG A 2 -10.30 -26.07 0.21
N GLN A 3 -10.04 -24.89 -0.36
CA GLN A 3 -9.09 -24.75 -1.45
C GLN A 3 -7.91 -23.88 -1.05
N SER A 4 -6.98 -23.69 -1.97
CA SER A 4 -5.80 -22.87 -1.72
C SER A 4 -6.09 -21.40 -2.01
N MET A 5 -5.05 -20.57 -1.88
CA MET A 5 -5.19 -19.14 -2.13
C MET A 5 -4.45 -18.73 -3.40
N ASN A 6 -5.17 -18.14 -4.34
CA ASN A 6 -4.59 -17.70 -5.60
C ASN A 6 -5.27 -16.45 -6.12
N ASN A 7 -4.88 -16.01 -7.31
CA ASN A 7 -5.45 -14.82 -7.93
C ASN A 7 -4.84 -14.56 -9.30
N PHE A 8 -5.66 -14.08 -10.22
CA PHE A 8 -5.18 -13.78 -11.57
C PHE A 8 -4.05 -12.77 -11.54
N GLN A 9 -3.59 -12.36 -12.73
CA GLN A 9 -2.50 -11.40 -12.83
C GLN A 9 -2.95 -10.02 -12.35
N GLY A 10 -3.96 -9.47 -13.01
CA GLY A 10 -4.46 -8.16 -12.64
C GLY A 10 -5.47 -7.62 -13.62
N LEU A 11 -6.68 -8.15 -13.57
CA LEU A 11 -7.75 -7.72 -14.47
C LEU A 11 -8.83 -6.96 -13.71
N ARG A 12 -9.31 -7.54 -12.62
CA ARG A 12 -10.34 -6.90 -11.80
C ARG A 12 -9.73 -6.26 -10.56
N SER A 13 -8.41 -6.11 -10.56
CA SER A 13 -7.71 -5.52 -9.42
C SER A 13 -7.79 -4.00 -9.48
N PHE A 14 -9.02 -3.47 -9.51
CA PHE A 14 -9.23 -2.04 -9.56
C PHE A 14 -10.72 -1.72 -9.59
N GLY A 15 -11.11 -0.63 -8.92
CA GLY A 15 -12.51 -0.24 -8.90
C GLY A 15 -12.70 1.18 -8.38
N CYS A 16 -11.64 1.99 -8.46
CA CYS A 16 -11.69 3.37 -8.00
C CYS A 16 -10.64 4.22 -8.70
N ARG A 17 -11.04 5.41 -9.13
CA ARG A 17 -10.12 6.32 -9.82
C ARG A 17 -9.32 7.14 -8.81
N PHE A 18 -10.01 7.99 -8.06
CA PHE A 18 -9.37 8.83 -7.06
C PHE A 18 -10.37 9.30 -6.01
N GLY A 19 -9.96 9.24 -4.74
CA GLY A 19 -10.83 9.66 -3.66
C GLY A 19 -11.23 8.52 -2.76
N THR A 20 -10.54 8.39 -1.63
CA THR A 20 -10.82 7.32 -0.68
C THR A 20 -10.53 5.95 -1.28
N CYS A 21 -9.85 5.94 -2.43
CA CYS A 21 -9.51 4.70 -3.11
C CYS A 21 -8.81 4.98 -4.43
N THR A 22 -7.59 4.47 -4.57
CA THR A 22 -6.81 4.67 -5.78
C THR A 22 -5.48 3.94 -5.70
N VAL A 23 -4.70 4.01 -6.78
CA VAL A 23 -3.40 3.36 -6.83
C VAL A 23 -2.55 3.74 -5.62
N GLN A 24 -2.75 4.95 -5.12
CA GLN A 24 -2.00 5.43 -3.96
C GLN A 24 -2.42 4.67 -2.70
N LYS A 25 -3.68 4.80 -2.32
CA LYS A 25 -4.19 4.13 -1.13
C LYS A 25 -3.95 2.63 -1.20
N LEU A 26 -3.86 2.10 -2.42
CA LEU A 26 -3.62 0.68 -2.62
C LEU A 26 -2.14 0.35 -2.49
N ALA A 27 -1.30 1.14 -3.15
CA ALA A 27 0.14 0.94 -3.09
C ALA A 27 0.66 1.05 -1.67
N HIS A 28 -0.14 1.66 -0.79
CA HIS A 28 0.24 1.83 0.61
C HIS A 28 0.62 0.48 1.23
N GLN A 29 0.06 -0.60 0.69
CA GLN A 29 0.35 -1.93 1.20
C GLN A 29 1.36 -2.65 0.31
N ILE A 30 1.49 -2.18 -0.92
CA ILE A 30 2.42 -2.77 -1.87
C ILE A 30 3.83 -2.84 -1.29
N TYR A 31 4.16 -1.87 -0.46
CA TYR A 31 5.48 -1.82 0.17
C TYR A 31 5.39 -2.17 1.65
N GLN A 32 4.31 -2.83 2.02
CA GLN A 32 4.11 -3.23 3.42
C GLN A 32 4.42 -4.71 3.61
N PHE A 33 4.23 -5.50 2.56
CA PHE A 33 4.49 -6.92 2.61
C PHE A 33 5.92 -7.23 2.16
N THR A 34 6.54 -6.27 1.48
CA THR A 34 7.90 -6.43 0.99
C THR A 34 8.84 -5.40 1.62
N ASP A 35 8.35 -4.17 1.76
CA ASP A 35 9.14 -3.09 2.33
C ASP A 35 10.44 -2.89 1.56
N LYS A 36 10.31 -2.58 0.27
CA LYS A 36 11.47 -2.36 -0.58
C LYS A 36 12.25 -1.14 -0.12
N ASP A 37 11.73 0.05 -0.42
CA ASP A 37 12.39 1.30 -0.03
C ASP A 37 12.46 1.43 1.48
N LYS A 38 13.49 2.11 1.97
CA LYS A 38 13.67 2.30 3.40
C LYS A 38 14.45 3.59 3.68
N ASP A 39 14.14 4.22 4.81
CA ASP A 39 14.82 5.46 5.19
C ASP A 39 15.19 5.43 6.67
N ASN A 40 15.58 4.27 7.17
CA ASN A 40 15.95 4.11 8.56
C ASN A 40 17.42 4.45 8.77
N VAL A 41 17.83 5.62 8.30
CA VAL A 41 19.22 6.06 8.43
C VAL A 41 19.58 6.28 9.90
N ALA A 42 20.78 5.86 10.28
CA ALA A 42 21.25 6.02 11.65
C ALA A 42 22.52 6.87 11.70
N PRO A 43 22.79 7.46 12.87
CA PRO A 43 23.97 8.31 13.08
C PRO A 43 25.27 7.50 13.07
N ARG A 44 25.23 6.32 13.69
CA ARG A 44 26.39 5.46 13.76
C ARG A 44 26.94 5.17 12.37
N SER A 45 26.07 5.23 11.36
CA SER A 45 26.47 4.98 9.98
C SER A 45 26.76 6.28 9.25
N LYS A 46 27.17 6.17 7.99
CA LYS A 46 27.48 7.35 7.19
C LYS A 46 26.33 8.34 7.21
N ILE A 47 26.59 9.52 7.76
CA ILE A 47 25.58 10.57 7.84
C ILE A 47 25.79 11.62 6.76
N SER A 48 24.74 12.41 6.50
CA SER A 48 24.81 13.45 5.48
C SER A 48 23.94 14.64 5.88
N PRO A 49 24.39 15.40 6.87
CA PRO A 49 23.66 16.58 7.36
C PRO A 49 23.68 17.73 6.36
N GLN A 50 24.81 17.93 5.71
CA GLN A 50 24.95 18.99 4.72
C GLN A 50 24.69 20.36 5.35
N GLY A 51 25.77 21.07 5.67
CA GLY A 51 25.64 22.38 6.28
C GLY A 51 24.73 23.29 5.48
N TYR A 52 23.51 23.47 5.96
CA TYR A 52 22.54 24.33 5.28
C TYR A 52 22.70 25.78 5.71
N NH2 A 53 22.50 26.70 4.77
HN1 NH2 A 53 22.26 26.42 3.85
HN2 NH2 A 53 22.60 27.67 4.99
N TYR A 1 -5.00 -17.45 18.80
CA TYR A 1 -5.74 -16.40 18.11
C TYR A 1 -6.03 -16.81 16.67
N ARG A 2 -7.31 -17.03 16.37
CA ARG A 2 -7.72 -17.42 15.02
C ARG A 2 -7.60 -16.24 14.05
N GLN A 3 -7.37 -16.55 12.78
CA GLN A 3 -7.24 -15.51 11.77
C GLN A 3 -7.37 -16.11 10.37
N SER A 4 -7.52 -15.24 9.37
CA SER A 4 -7.66 -15.69 7.98
C SER A 4 -6.45 -15.28 7.16
N MET A 5 -6.37 -15.78 5.93
CA MET A 5 -5.27 -15.46 5.04
C MET A 5 -5.48 -14.12 4.37
N ASN A 6 -6.74 -13.74 4.19
CA ASN A 6 -7.08 -12.47 3.55
C ASN A 6 -8.27 -11.81 4.25
N ASN A 7 -8.38 -10.49 4.10
CA ASN A 7 -9.47 -9.76 4.72
C ASN A 7 -10.82 -10.17 4.13
N PHE A 8 -11.08 -9.73 2.91
CA PHE A 8 -12.33 -10.06 2.23
C PHE A 8 -12.08 -10.53 0.80
N GLN A 9 -13.15 -10.76 0.06
CA GLN A 9 -13.04 -11.22 -1.32
C GLN A 9 -12.53 -10.09 -2.21
N GLY A 10 -13.26 -8.98 -2.25
CA GLY A 10 -12.87 -7.85 -3.07
C GLY A 10 -13.94 -6.78 -3.15
N LEU A 11 -14.05 -5.98 -2.10
CA LEU A 11 -15.04 -4.91 -2.05
C LEU A 11 -14.38 -3.54 -2.08
N ARG A 12 -13.38 -3.35 -1.23
CA ARG A 12 -12.66 -2.09 -1.16
C ARG A 12 -11.36 -2.16 -1.96
N SER A 13 -11.19 -3.24 -2.70
CA SER A 13 -9.99 -3.43 -3.50
C SER A 13 -9.77 -2.26 -4.45
N PHE A 14 -10.82 -1.90 -5.19
CA PHE A 14 -10.75 -0.80 -6.14
C PHE A 14 -12.08 -0.61 -6.86
N GLY A 15 -12.38 0.64 -7.22
CA GLY A 15 -13.62 0.93 -7.91
C GLY A 15 -13.65 2.32 -8.50
N CYS A 16 -12.97 3.25 -7.83
CA CYS A 16 -12.92 4.64 -8.30
C CYS A 16 -11.51 5.02 -8.72
N ARG A 17 -11.41 5.79 -9.79
CA ARG A 17 -10.10 6.22 -10.29
C ARG A 17 -9.28 6.88 -9.19
N PHE A 18 -9.73 8.05 -8.75
CA PHE A 18 -9.04 8.79 -7.69
C PHE A 18 -10.01 9.27 -6.63
N GLY A 19 -9.51 9.45 -5.41
CA GLY A 19 -10.34 9.92 -4.32
C GLY A 19 -10.26 9.01 -3.10
N THR A 20 -11.31 8.23 -2.88
CA THR A 20 -11.35 7.32 -1.74
C THR A 20 -10.80 5.95 -2.11
N CYS A 21 -10.13 5.88 -3.25
CA CYS A 21 -9.55 4.62 -3.72
C CYS A 21 -8.73 4.84 -4.98
N THR A 22 -7.47 4.42 -4.94
CA THR A 22 -6.57 4.58 -6.08
C THR A 22 -5.21 3.94 -5.80
N VAL A 23 -4.34 3.97 -6.81
CA VAL A 23 -3.00 3.40 -6.68
C VAL A 23 -2.31 3.91 -5.42
N GLN A 24 -2.64 5.14 -5.03
CA GLN A 24 -2.05 5.75 -3.84
C GLN A 24 -2.59 5.10 -2.57
N LYS A 25 -3.87 4.78 -2.57
CA LYS A 25 -4.50 4.15 -1.43
C LYS A 25 -4.34 2.64 -1.46
N LEU A 26 -3.84 2.13 -2.59
CA LEU A 26 -3.63 0.70 -2.75
C LEU A 26 -2.15 0.34 -2.52
N ALA A 27 -1.27 1.22 -2.97
CA ALA A 27 0.16 0.99 -2.81
C ALA A 27 0.56 0.96 -1.35
N HIS A 28 -0.34 1.41 -0.48
CA HIS A 28 -0.08 1.44 0.96
C HIS A 28 0.42 0.08 1.44
N GLN A 29 -0.01 -0.98 0.76
CA GLN A 29 0.40 -2.33 1.12
C GLN A 29 1.47 -2.85 0.16
N ILE A 30 1.59 -2.20 -0.99
CA ILE A 30 2.58 -2.60 -1.99
C ILE A 30 3.99 -2.60 -1.39
N TYR A 31 4.23 -1.70 -0.44
CA TYR A 31 5.52 -1.60 0.20
C TYR A 31 5.47 -2.12 1.63
N GLN A 32 4.39 -2.84 1.95
CA GLN A 32 4.22 -3.40 3.28
C GLN A 32 4.71 -4.85 3.33
N PHE A 33 4.53 -5.57 2.22
CA PHE A 33 4.95 -6.96 2.15
C PHE A 33 6.42 -7.06 1.73
N THR A 34 6.98 -5.94 1.28
CA THR A 34 8.37 -5.90 0.86
C THR A 34 9.17 -4.87 1.66
N ASP A 35 8.74 -3.62 1.59
CA ASP A 35 9.41 -2.54 2.31
C ASP A 35 10.83 -2.35 1.79
N LYS A 36 11.05 -2.70 0.52
CA LYS A 36 12.37 -2.56 -0.10
C LYS A 36 12.71 -1.09 -0.33
N ASP A 37 13.89 -0.84 -0.87
CA ASP A 37 14.33 0.52 -1.15
C ASP A 37 14.01 0.92 -2.58
N LYS A 38 12.73 1.08 -2.86
CA LYS A 38 12.27 1.46 -4.20
C LYS A 38 12.92 2.78 -4.63
N ASP A 39 12.78 3.11 -5.92
CA ASP A 39 13.34 4.34 -6.45
C ASP A 39 12.25 5.22 -7.06
N ASN A 40 11.02 5.04 -6.58
CA ASN A 40 9.89 5.81 -7.07
C ASN A 40 9.24 6.62 -5.95
N VAL A 41 10.00 7.55 -5.38
CA VAL A 41 9.51 8.38 -4.29
C VAL A 41 9.50 9.86 -4.69
N ALA A 42 8.48 10.58 -4.25
CA ALA A 42 8.36 11.99 -4.56
C ALA A 42 8.20 12.82 -3.29
N PRO A 43 8.52 14.12 -3.38
CA PRO A 43 8.43 15.04 -2.24
C PRO A 43 6.99 15.33 -1.85
N ARG A 44 6.15 15.61 -2.86
CA ARG A 44 4.75 15.91 -2.62
C ARG A 44 4.05 14.71 -1.96
N SER A 45 4.40 13.51 -2.39
CA SER A 45 3.80 12.30 -1.85
C SER A 45 4.46 11.91 -0.52
N LYS A 46 3.74 11.15 0.29
CA LYS A 46 4.25 10.71 1.59
C LYS A 46 5.61 10.06 1.43
N ILE A 47 6.59 10.54 2.19
CA ILE A 47 7.94 9.99 2.15
C ILE A 47 8.20 9.08 3.34
N SER A 48 9.23 8.24 3.22
CA SER A 48 9.59 7.30 4.28
C SER A 48 11.10 7.22 4.44
N PRO A 49 11.70 8.27 5.02
CA PRO A 49 13.15 8.34 5.23
C PRO A 49 13.62 7.37 6.31
N GLN A 50 12.74 7.09 7.28
CA GLN A 50 13.06 6.17 8.36
C GLN A 50 13.04 4.73 7.88
N GLY A 51 12.27 4.48 6.83
CA GLY A 51 12.18 3.13 6.29
C GLY A 51 13.44 2.71 5.56
N TYR A 52 14.45 2.30 6.31
CA TYR A 52 15.71 1.87 5.72
C TYR A 52 15.59 0.48 5.10
N NH2 A 53 15.24 0.43 3.83
HN1 NH2 A 53 15.08 1.28 3.33
HN2 NH2 A 53 15.15 -0.45 3.37
N TYR A 1 -8.34 0.88 1.10
CA TYR A 1 -7.90 0.68 2.47
C TYR A 1 -6.76 -0.35 2.52
N ARG A 2 -5.74 -0.05 3.31
CA ARG A 2 -4.60 -0.95 3.46
C ARG A 2 -4.79 -1.89 4.65
N GLN A 3 -4.59 -3.18 4.42
CA GLN A 3 -4.74 -4.18 5.47
C GLN A 3 -3.52 -5.09 5.54
N SER A 4 -3.23 -5.58 6.73
CA SER A 4 -2.08 -6.47 6.94
C SER A 4 -2.39 -7.88 6.46
N MET A 5 -3.65 -8.10 6.08
CA MET A 5 -4.08 -9.42 5.60
C MET A 5 -4.74 -9.30 4.23
N ASN A 6 -4.11 -9.89 3.22
CA ASN A 6 -4.63 -9.86 1.86
C ASN A 6 -4.63 -11.25 1.23
N ASN A 7 -5.74 -11.62 0.61
CA ASN A 7 -5.86 -12.93 -0.02
C ASN A 7 -7.23 -13.09 -0.67
N PHE A 8 -7.28 -12.92 -2.00
CA PHE A 8 -8.53 -13.04 -2.74
C PHE A 8 -8.27 -13.01 -4.23
N GLN A 9 -9.33 -13.21 -5.02
CA GLN A 9 -9.22 -13.20 -6.47
C GLN A 9 -8.83 -11.82 -6.97
N GLY A 10 -9.65 -10.82 -6.66
CA GLY A 10 -9.37 -9.46 -7.10
C GLY A 10 -10.52 -8.51 -6.80
N LEU A 11 -10.54 -7.98 -5.57
CA LEU A 11 -11.59 -7.06 -5.16
C LEU A 11 -10.99 -5.70 -4.79
N ARG A 12 -9.95 -5.72 -3.96
CA ARG A 12 -9.30 -4.50 -3.52
C ARG A 12 -8.04 -4.24 -4.35
N SER A 13 -7.86 -5.01 -5.41
CA SER A 13 -6.70 -4.86 -6.27
C SER A 13 -6.68 -3.48 -6.94
N PHE A 14 -7.84 -2.82 -6.92
CA PHE A 14 -7.95 -1.49 -7.52
C PHE A 14 -8.97 -0.65 -6.77
N GLY A 15 -10.25 -0.91 -7.00
CA GLY A 15 -11.29 -0.16 -6.33
C GLY A 15 -11.89 0.92 -7.21
N CYS A 16 -11.19 2.06 -7.29
CA CYS A 16 -11.65 3.18 -8.10
C CYS A 16 -10.48 4.03 -8.59
N ARG A 17 -10.77 5.03 -9.39
CA ARG A 17 -9.73 5.91 -9.92
C ARG A 17 -9.15 6.79 -8.82
N PHE A 18 -10.01 7.53 -8.14
CA PHE A 18 -9.59 8.41 -7.07
C PHE A 18 -10.76 8.76 -6.15
N GLY A 19 -10.48 9.56 -5.12
CA GLY A 19 -11.52 9.96 -4.20
C GLY A 19 -11.53 9.11 -2.94
N THR A 20 -11.96 7.86 -3.08
CA THR A 20 -12.01 6.93 -1.94
C THR A 20 -11.02 5.80 -2.11
N CYS A 21 -10.27 5.83 -3.21
CA CYS A 21 -9.27 4.80 -3.48
C CYS A 21 -8.53 5.09 -4.79
N THR A 22 -7.30 4.60 -4.89
CA THR A 22 -6.49 4.81 -6.08
C THR A 22 -5.16 4.08 -5.97
N VAL A 23 -4.36 4.17 -7.02
CA VAL A 23 -3.05 3.52 -7.04
C VAL A 23 -2.24 3.86 -5.79
N GLN A 24 -2.46 5.06 -5.26
CA GLN A 24 -1.77 5.51 -4.06
C GLN A 24 -2.26 4.77 -2.83
N LYS A 25 -3.54 4.94 -2.52
CA LYS A 25 -4.14 4.28 -1.36
C LYS A 25 -3.94 2.78 -1.43
N LEU A 26 -3.79 2.26 -2.64
CA LEU A 26 -3.59 0.83 -2.85
C LEU A 26 -2.12 0.45 -2.67
N ALA A 27 -1.24 1.21 -3.30
CA ALA A 27 0.19 0.96 -3.20
C ALA A 27 0.67 1.02 -1.75
N HIS A 28 -0.13 1.65 -0.90
CA HIS A 28 0.21 1.78 0.51
C HIS A 28 0.53 0.42 1.11
N GLN A 29 -0.06 -0.63 0.56
CA GLN A 29 0.17 -1.99 1.04
C GLN A 29 1.17 -2.72 0.16
N ILE A 30 1.34 -2.23 -1.06
CA ILE A 30 2.28 -2.85 -2.01
C ILE A 30 3.67 -2.95 -1.40
N TYR A 31 4.03 -1.99 -0.57
CA TYR A 31 5.34 -1.98 0.08
C TYR A 31 5.21 -2.35 1.55
N GLN A 32 4.08 -2.93 1.92
CA GLN A 32 3.83 -3.33 3.31
C GLN A 32 4.14 -4.81 3.50
N PHE A 33 3.91 -5.60 2.46
CA PHE A 33 4.16 -7.05 2.52
C PHE A 33 5.59 -7.36 2.10
N THR A 34 6.25 -6.39 1.48
CA THR A 34 7.62 -6.57 1.04
C THR A 34 8.55 -5.52 1.65
N ASP A 35 8.09 -4.27 1.64
CA ASP A 35 8.88 -3.17 2.20
C ASP A 35 10.28 -3.15 1.61
N LYS A 36 10.44 -2.42 0.50
CA LYS A 36 11.72 -2.31 -0.17
C LYS A 36 12.40 -0.98 0.16
N ASP A 37 11.59 0.05 0.39
CA ASP A 37 12.12 1.37 0.72
C ASP A 37 13.12 1.28 1.87
N LYS A 38 12.93 0.31 2.74
CA LYS A 38 13.82 0.11 3.88
C LYS A 38 14.91 -0.90 3.56
N ASP A 39 14.63 -1.78 2.61
CA ASP A 39 15.58 -2.81 2.20
C ASP A 39 15.99 -3.68 3.38
N ASN A 40 15.12 -3.75 4.38
CA ASN A 40 15.38 -4.55 5.58
C ASN A 40 16.73 -4.20 6.18
N VAL A 41 16.91 -2.92 6.50
CA VAL A 41 18.16 -2.44 7.10
C VAL A 41 17.95 -1.99 8.53
N ALA A 42 18.92 -2.30 9.38
CA ALA A 42 18.85 -1.92 10.80
C ALA A 42 20.14 -1.24 11.25
N PRO A 43 20.04 -0.46 12.33
CA PRO A 43 21.19 0.27 12.89
C PRO A 43 22.20 -0.67 13.53
N ARG A 44 21.71 -1.77 14.10
CA ARG A 44 22.57 -2.75 14.75
C ARG A 44 23.12 -3.76 13.75
N SER A 45 22.24 -4.21 12.85
CA SER A 45 22.62 -5.18 11.83
C SER A 45 23.69 -4.61 10.90
N LYS A 46 24.20 -5.45 10.02
CA LYS A 46 25.24 -5.03 9.06
C LYS A 46 24.61 -4.63 7.73
N ILE A 47 25.13 -3.56 7.14
CA ILE A 47 24.63 -3.08 5.86
C ILE A 47 25.29 -3.80 4.70
N SER A 48 24.68 -3.71 3.53
CA SER A 48 25.22 -4.36 2.33
C SER A 48 24.99 -3.49 1.09
N PRO A 49 25.71 -2.36 1.03
CA PRO A 49 25.60 -1.41 -0.09
C PRO A 49 26.20 -1.98 -1.36
N GLN A 50 27.00 -3.03 -1.22
CA GLN A 50 27.64 -3.66 -2.38
C GLN A 50 26.61 -4.00 -3.46
N GLY A 51 25.38 -4.27 -3.03
CA GLY A 51 24.33 -4.60 -3.97
C GLY A 51 23.67 -3.37 -4.56
N TYR A 52 24.06 -3.02 -5.78
CA TYR A 52 23.50 -1.85 -6.45
C TYR A 52 22.28 -2.23 -7.29
N NH2 A 53 21.21 -1.49 -7.12
HN1 NH2 A 53 21.22 -0.73 -6.46
HN2 NH2 A 53 20.37 -1.69 -7.63
N TYR A 1 -29.24 -9.31 -1.82
CA TYR A 1 -28.81 -8.79 -0.53
C TYR A 1 -27.30 -8.60 -0.50
N ARG A 2 -26.79 -8.07 0.61
CA ARG A 2 -25.37 -7.84 0.77
C ARG A 2 -24.64 -9.14 1.08
N GLN A 3 -23.55 -9.40 0.37
CA GLN A 3 -22.76 -10.61 0.57
C GLN A 3 -21.31 -10.27 0.85
N SER A 4 -20.52 -11.28 1.20
CA SER A 4 -19.10 -11.09 1.50
C SER A 4 -18.23 -11.82 0.48
N MET A 5 -18.87 -12.55 -0.43
CA MET A 5 -18.16 -13.30 -1.46
C MET A 5 -18.31 -12.62 -2.82
N ASN A 6 -17.30 -12.79 -3.67
CA ASN A 6 -17.32 -12.19 -5.01
C ASN A 6 -17.12 -13.26 -6.08
N ASN A 7 -17.64 -12.99 -7.28
CA ASN A 7 -17.52 -13.93 -8.39
C ASN A 7 -18.15 -13.35 -9.65
N PHE A 8 -17.31 -12.95 -10.60
CA PHE A 8 -17.79 -12.38 -11.86
C PHE A 8 -16.61 -12.06 -12.78
N GLN A 9 -16.92 -11.45 -13.92
CA GLN A 9 -15.89 -11.09 -14.89
C GLN A 9 -15.03 -9.94 -14.37
N GLY A 10 -15.67 -8.81 -14.06
CA GLY A 10 -14.95 -7.67 -13.55
C GLY A 10 -15.81 -6.42 -13.49
N LEU A 11 -16.66 -6.33 -12.47
CA LEU A 11 -17.54 -5.18 -12.30
C LEU A 11 -17.16 -4.37 -11.07
N ARG A 12 -16.97 -5.06 -9.95
CA ARG A 12 -16.60 -4.40 -8.70
C ARG A 12 -15.10 -4.51 -8.45
N SER A 13 -14.37 -4.96 -9.47
CA SER A 13 -12.92 -5.11 -9.37
C SER A 13 -12.26 -3.76 -9.11
N PHE A 14 -12.85 -2.70 -9.65
CA PHE A 14 -12.31 -1.36 -9.48
C PHE A 14 -13.17 -0.33 -10.21
N GLY A 15 -13.29 0.86 -9.62
CA GLY A 15 -14.08 1.90 -10.23
C GLY A 15 -13.80 3.27 -9.63
N CYS A 16 -12.63 3.41 -9.00
CA CYS A 16 -12.25 4.67 -8.39
C CYS A 16 -10.87 5.12 -8.88
N ARG A 17 -10.86 5.95 -9.91
CA ARG A 17 -9.62 6.45 -10.48
C ARG A 17 -8.73 7.04 -9.39
N PHE A 18 -9.31 7.88 -8.55
CA PHE A 18 -8.58 8.51 -7.46
C PHE A 18 -9.52 8.98 -6.36
N GLY A 19 -8.97 9.24 -5.17
CA GLY A 19 -9.78 9.68 -4.06
C GLY A 19 -9.80 8.70 -2.92
N THR A 20 -10.96 8.09 -2.68
CA THR A 20 -11.11 7.11 -1.61
C THR A 20 -10.16 5.95 -1.80
N CYS A 21 -10.20 5.33 -2.98
CA CYS A 21 -9.34 4.19 -3.29
C CYS A 21 -8.59 4.42 -4.59
N THR A 22 -7.33 3.98 -4.63
CA THR A 22 -6.51 4.13 -5.82
C THR A 22 -5.15 3.46 -5.64
N VAL A 23 -4.33 3.51 -6.67
CA VAL A 23 -3.00 2.91 -6.64
C VAL A 23 -2.24 3.34 -5.39
N GLN A 24 -2.50 4.56 -4.93
CA GLN A 24 -1.85 5.10 -3.75
C GLN A 24 -2.33 4.39 -2.49
N LYS A 25 -3.61 4.53 -2.19
CA LYS A 25 -4.20 3.90 -1.02
C LYS A 25 -3.92 2.40 -1.01
N LEU A 26 -3.76 1.82 -2.20
CA LEU A 26 -3.49 0.39 -2.33
C LEU A 26 -2.01 0.09 -2.14
N ALA A 27 -1.17 0.97 -2.68
CA ALA A 27 0.27 0.82 -2.57
C ALA A 27 0.73 0.87 -1.12
N HIS A 28 -0.15 1.36 -0.25
CA HIS A 28 0.16 1.48 1.18
C HIS A 28 0.68 0.15 1.73
N GLN A 29 0.21 -0.95 1.13
CA GLN A 29 0.62 -2.29 1.56
C GLN A 29 1.69 -2.85 0.63
N ILE A 30 1.78 -2.29 -0.56
CA ILE A 30 2.76 -2.74 -1.55
C ILE A 30 4.17 -2.72 -0.96
N TYR A 31 4.42 -1.77 -0.06
CA TYR A 31 5.72 -1.64 0.56
C TYR A 31 5.68 -2.12 2.01
N GLN A 32 4.63 -2.85 2.35
CA GLN A 32 4.47 -3.38 3.71
C GLN A 32 4.93 -4.83 3.79
N PHE A 33 4.78 -5.56 2.69
CA PHE A 33 5.18 -6.96 2.64
C PHE A 33 6.60 -7.10 2.10
N THR A 34 7.07 -6.05 1.43
CA THR A 34 8.42 -6.06 0.85
C THR A 34 9.18 -4.80 1.24
N ASP A 35 8.50 -3.67 1.17
CA ASP A 35 9.12 -2.38 1.51
C ASP A 35 10.29 -2.08 0.58
N LYS A 36 9.97 -1.89 -0.70
CA LYS A 36 11.00 -1.59 -1.70
C LYS A 36 11.76 -0.32 -1.34
N ASP A 37 12.92 -0.13 -1.97
CA ASP A 37 13.73 1.06 -1.71
C ASP A 37 12.95 2.33 -1.99
N LYS A 38 13.60 3.47 -1.84
CA LYS A 38 12.97 4.77 -2.07
C LYS A 38 13.79 5.61 -3.02
N ASP A 39 13.38 6.86 -3.23
CA ASP A 39 14.08 7.77 -4.11
C ASP A 39 13.82 9.23 -3.72
N ASN A 40 14.29 9.60 -2.53
CA ASN A 40 14.11 10.96 -2.03
C ASN A 40 12.63 11.32 -1.96
N VAL A 41 11.80 10.34 -1.61
CA VAL A 41 10.37 10.56 -1.50
C VAL A 41 9.79 9.82 -0.29
N ALA A 42 8.79 10.43 0.33
CA ALA A 42 8.15 9.83 1.50
C ALA A 42 6.68 10.23 1.59
N PRO A 43 5.89 9.44 2.34
CA PRO A 43 4.46 9.69 2.52
C PRO A 43 4.19 10.93 3.36
N ARG A 44 5.15 11.28 4.22
CA ARG A 44 5.02 12.45 5.08
C ARG A 44 5.41 13.72 4.34
N SER A 45 6.32 13.58 3.38
CA SER A 45 6.78 14.72 2.60
C SER A 45 5.61 15.50 2.02
N LYS A 46 5.86 16.75 1.65
CA LYS A 46 4.83 17.60 1.08
C LYS A 46 5.16 17.98 -0.37
N ILE A 47 4.28 18.74 -0.99
CA ILE A 47 4.49 19.17 -2.37
C ILE A 47 4.30 20.68 -2.51
N SER A 48 4.81 21.23 -3.61
CA SER A 48 4.70 22.66 -3.87
C SER A 48 4.10 22.93 -5.24
N PRO A 49 2.78 22.74 -5.36
CA PRO A 49 2.05 22.95 -6.61
C PRO A 49 1.97 24.42 -6.99
N GLN A 50 2.43 25.29 -6.10
CA GLN A 50 2.40 26.72 -6.35
C GLN A 50 3.82 27.29 -6.38
N GLY A 51 4.81 26.40 -6.32
CA GLY A 51 6.19 26.83 -6.35
C GLY A 51 6.64 27.29 -7.72
N TYR A 52 5.76 27.12 -8.71
CA TYR A 52 6.07 27.51 -10.08
C TYR A 52 4.85 28.17 -10.74
N NH2 A 53 5.03 28.59 -11.98
HN1 NH2 A 53 5.92 28.48 -12.42
HN2 NH2 A 53 4.27 29.03 -12.47
N TYR A 1 -10.93 0.89 13.96
CA TYR A 1 -11.79 -0.16 13.43
C TYR A 1 -10.97 -1.20 12.67
N ARG A 2 -11.51 -2.40 12.55
CA ARG A 2 -10.84 -3.48 11.84
C ARG A 2 -10.46 -3.05 10.43
N GLN A 3 -9.72 -3.92 9.73
CA GLN A 3 -9.30 -3.63 8.36
C GLN A 3 -8.51 -4.80 7.78
N SER A 4 -8.20 -4.71 6.49
CA SER A 4 -7.45 -5.76 5.82
C SER A 4 -6.86 -5.25 4.50
N MET A 5 -5.90 -5.99 3.96
CA MET A 5 -5.25 -5.61 2.72
C MET A 5 -5.97 -6.23 1.53
N ASN A 6 -5.77 -7.53 1.33
CA ASN A 6 -6.40 -8.25 0.22
C ASN A 6 -6.26 -9.76 0.39
N ASN A 7 -6.80 -10.51 -0.55
CA ASN A 7 -6.74 -11.97 -0.51
C ASN A 7 -6.86 -12.56 -1.91
N PHE A 8 -6.25 -11.89 -2.89
CA PHE A 8 -6.30 -12.35 -4.27
C PHE A 8 -5.10 -11.83 -5.06
N GLN A 9 -5.09 -12.11 -6.36
CA GLN A 9 -4.00 -11.68 -7.21
C GLN A 9 -4.01 -10.16 -7.40
N GLY A 10 -5.21 -9.62 -7.63
CA GLY A 10 -5.34 -8.19 -7.82
C GLY A 10 -6.52 -7.82 -8.69
N LEU A 11 -7.71 -7.85 -8.11
CA LEU A 11 -8.93 -7.52 -8.84
C LEU A 11 -9.55 -6.23 -8.31
N ARG A 12 -9.66 -6.13 -6.99
CA ARG A 12 -10.24 -4.95 -6.36
C ARG A 12 -9.15 -3.94 -5.99
N SER A 13 -7.92 -4.24 -6.40
CA SER A 13 -6.80 -3.36 -6.11
C SER A 13 -7.10 -1.92 -6.53
N PHE A 14 -7.65 -1.76 -7.73
CA PHE A 14 -7.98 -0.44 -8.24
C PHE A 14 -9.26 0.08 -7.60
N GLY A 15 -10.40 -0.47 -8.02
CA GLY A 15 -11.68 -0.04 -7.48
C GLY A 15 -12.12 1.30 -8.02
N CYS A 16 -11.37 2.34 -7.69
CA CYS A 16 -11.69 3.69 -8.14
C CYS A 16 -10.46 4.35 -8.77
N ARG A 17 -10.70 5.44 -9.51
CA ARG A 17 -9.62 6.17 -10.16
C ARG A 17 -8.92 7.08 -9.17
N PHE A 18 -9.68 7.67 -8.26
CA PHE A 18 -9.12 8.57 -7.26
C PHE A 18 -10.08 8.75 -6.09
N GLY A 19 -9.53 8.96 -4.90
CA GLY A 19 -10.35 9.14 -3.71
C GLY A 19 -9.89 8.30 -2.55
N THR A 20 -10.72 7.35 -2.13
CA THR A 20 -10.39 6.48 -1.01
C THR A 20 -9.95 5.10 -1.50
N CYS A 21 -10.30 4.79 -2.74
CA CYS A 21 -9.95 3.50 -3.33
C CYS A 21 -9.23 3.68 -4.67
N THR A 22 -8.00 4.16 -4.61
CA THR A 22 -7.21 4.39 -5.81
C THR A 22 -5.86 3.68 -5.73
N VAL A 23 -5.05 3.85 -6.76
CA VAL A 23 -3.73 3.22 -6.81
C VAL A 23 -2.89 3.65 -5.62
N GLN A 24 -3.10 4.87 -5.14
CA GLN A 24 -2.36 5.40 -4.01
C GLN A 24 -2.69 4.63 -2.74
N LYS A 25 -3.96 4.65 -2.35
CA LYS A 25 -4.41 3.94 -1.15
C LYS A 25 -4.05 2.46 -1.22
N LEU A 26 -3.90 1.95 -2.44
CA LEU A 26 -3.56 0.56 -2.64
C LEU A 26 -2.05 0.33 -2.47
N ALA A 27 -1.27 1.04 -3.27
CA ALA A 27 0.18 0.91 -3.21
C ALA A 27 0.69 1.09 -1.78
N HIS A 28 -0.09 1.78 -0.96
CA HIS A 28 0.28 2.01 0.44
C HIS A 28 0.64 0.70 1.12
N GLN A 29 0.05 -0.39 0.65
CA GLN A 29 0.31 -1.71 1.23
C GLN A 29 1.29 -2.50 0.36
N ILE A 30 1.42 -2.09 -0.89
CA ILE A 30 2.31 -2.76 -1.83
C ILE A 30 3.72 -2.86 -1.26
N TYR A 31 4.10 -1.86 -0.47
CA TYR A 31 5.43 -1.83 0.13
C TYR A 31 5.36 -2.14 1.62
N GLN A 32 4.23 -2.69 2.06
CA GLN A 32 4.03 -3.04 3.46
C GLN A 32 4.33 -4.51 3.71
N PHE A 33 4.10 -5.34 2.70
CA PHE A 33 4.34 -6.77 2.81
C PHE A 33 5.76 -7.12 2.35
N THR A 34 6.40 -6.17 1.66
CA THR A 34 7.75 -6.38 1.16
C THR A 34 8.72 -5.36 1.76
N ASP A 35 8.28 -4.11 1.79
CA ASP A 35 9.11 -3.03 2.34
C ASP A 35 10.44 -2.92 1.59
N LYS A 36 10.49 -1.99 0.63
CA LYS A 36 11.69 -1.79 -0.15
C LYS A 36 12.35 -0.45 0.20
N ASP A 37 11.73 0.64 -0.21
CA ASP A 37 12.24 1.97 0.06
C ASP A 37 12.56 2.14 1.55
N LYS A 38 13.69 2.77 1.84
CA LYS A 38 14.10 2.99 3.23
C LYS A 38 13.23 4.05 3.89
N ASP A 39 12.87 3.80 5.15
CA ASP A 39 12.03 4.74 5.90
C ASP A 39 12.69 6.11 5.98
N ASN A 40 13.95 6.14 6.39
CA ASN A 40 14.70 7.39 6.51
C ASN A 40 13.91 8.41 7.32
N VAL A 41 13.14 7.92 8.29
CA VAL A 41 12.34 8.79 9.14
C VAL A 41 13.10 9.17 10.40
N ALA A 42 12.85 10.38 10.90
CA ALA A 42 13.51 10.87 12.10
C ALA A 42 12.95 10.20 13.36
N PRO A 43 13.72 10.23 14.45
CA PRO A 43 13.31 9.64 15.72
C PRO A 43 12.17 10.39 16.39
N ARG A 44 12.19 11.71 16.25
CA ARG A 44 11.14 12.55 16.84
C ARG A 44 9.79 12.27 16.20
N SER A 45 9.82 11.80 14.95
CA SER A 45 8.60 11.50 14.21
C SER A 45 8.48 9.99 13.97
N LYS A 46 7.61 9.34 14.73
CA LYS A 46 7.39 7.90 14.60
C LYS A 46 5.96 7.61 14.17
N ILE A 47 5.37 8.52 13.40
CA ILE A 47 4.01 8.35 12.91
C ILE A 47 3.97 8.15 11.40
N SER A 48 2.85 7.63 10.91
CA SER A 48 2.70 7.39 9.48
C SER A 48 1.22 7.27 9.10
N PRO A 49 0.53 8.43 9.07
CA PRO A 49 -0.90 8.48 8.74
C PRO A 49 -1.15 8.18 7.27
N GLN A 50 -0.41 8.84 6.39
CA GLN A 50 -0.56 8.65 4.95
C GLN A 50 -1.93 9.12 4.48
N GLY A 51 -2.17 10.42 4.54
CA GLY A 51 -3.43 10.97 4.13
C GLY A 51 -4.47 10.97 5.23
N TYR A 52 -4.00 11.05 6.47
CA TYR A 52 -4.89 11.05 7.62
C TYR A 52 -4.52 12.16 8.61
N NH2 A 53 -5.51 12.89 9.08
HN1 NH2 A 53 -6.45 12.70 8.78
HN2 NH2 A 53 -5.33 13.63 9.72
N TYR A 1 0.50 6.84 12.54
CA TYR A 1 0.10 5.56 11.97
C TYR A 1 -1.14 5.73 11.08
N ARG A 2 -1.17 4.98 9.97
CA ARG A 2 -2.28 5.05 9.04
C ARG A 2 -2.31 3.82 8.14
N GLN A 3 -3.52 3.42 7.74
CA GLN A 3 -3.68 2.25 6.88
C GLN A 3 -5.05 2.25 6.21
N SER A 4 -5.28 1.29 5.33
CA SER A 4 -6.55 1.19 4.62
C SER A 4 -7.05 -0.25 4.62
N MET A 5 -8.23 -0.47 4.02
CA MET A 5 -8.82 -1.79 3.95
C MET A 5 -9.11 -2.18 2.50
N ASN A 6 -9.03 -3.48 2.22
CA ASN A 6 -9.28 -3.98 0.88
C ASN A 6 -10.60 -4.74 0.81
N ASN A 7 -10.93 -5.26 -0.37
CA ASN A 7 -12.17 -6.00 -0.56
C ASN A 7 -11.88 -7.46 -0.90
N PHE A 8 -10.78 -7.69 -1.60
CA PHE A 8 -10.38 -9.05 -1.98
C PHE A 8 -8.88 -9.21 -1.94
N GLN A 9 -8.41 -10.39 -2.32
CA GLN A 9 -6.97 -10.68 -2.33
C GLN A 9 -6.22 -9.68 -3.20
N GLY A 10 -6.73 -9.44 -4.40
CA GLY A 10 -6.09 -8.51 -5.32
C GLY A 10 -6.34 -8.86 -6.76
N LEU A 11 -7.54 -9.34 -7.07
CA LEU A 11 -7.89 -9.71 -8.43
C LEU A 11 -7.82 -8.51 -9.36
N ARG A 12 -8.71 -7.55 -9.14
CA ARG A 12 -8.75 -6.35 -9.96
C ARG A 12 -7.76 -5.30 -9.44
N SER A 13 -7.52 -5.31 -8.14
CA SER A 13 -6.60 -4.37 -7.51
C SER A 13 -6.86 -2.95 -8.03
N PHE A 14 -8.13 -2.64 -8.28
CA PHE A 14 -8.50 -1.31 -8.77
C PHE A 14 -10.01 -1.22 -8.97
N GLY A 15 -10.55 -0.01 -8.79
CA GLY A 15 -11.98 0.19 -8.97
C GLY A 15 -12.36 1.66 -8.91
N CYS A 16 -11.62 2.43 -8.12
CA CYS A 16 -11.89 3.86 -7.97
C CYS A 16 -10.72 4.69 -8.48
N ARG A 17 -10.99 5.56 -9.43
CA ARG A 17 -9.96 6.43 -10.01
C ARG A 17 -9.18 7.13 -8.91
N PHE A 18 -9.85 7.98 -8.15
CA PHE A 18 -9.22 8.73 -7.07
C PHE A 18 -10.24 9.13 -6.02
N GLY A 19 -9.79 9.20 -4.77
CA GLY A 19 -10.68 9.57 -3.68
C GLY A 19 -10.90 8.44 -2.69
N THR A 20 -10.07 8.40 -1.66
CA THR A 20 -10.16 7.35 -0.64
C THR A 20 -10.08 5.96 -1.27
N CYS A 21 -9.51 5.90 -2.47
CA CYS A 21 -9.36 4.63 -3.18
C CYS A 21 -8.65 4.83 -4.51
N THR A 22 -7.40 4.40 -4.58
CA THR A 22 -6.61 4.53 -5.80
C THR A 22 -5.25 3.88 -5.65
N VAL A 23 -4.44 3.95 -6.70
CA VAL A 23 -3.10 3.36 -6.68
C VAL A 23 -2.33 3.82 -5.45
N GLN A 24 -2.62 5.03 -4.99
CA GLN A 24 -1.94 5.57 -3.82
C GLN A 24 -2.35 4.84 -2.55
N LYS A 25 -3.66 4.74 -2.33
CA LYS A 25 -4.20 4.06 -1.16
C LYS A 25 -3.93 2.56 -1.23
N LEU A 26 -3.77 2.06 -2.45
CA LEU A 26 -3.51 0.63 -2.66
C LEU A 26 -2.04 0.31 -2.45
N ALA A 27 -1.17 1.15 -3.01
CA ALA A 27 0.27 0.96 -2.89
C ALA A 27 0.70 0.98 -1.43
N HIS A 28 -0.15 1.53 -0.57
CA HIS A 28 0.15 1.61 0.86
C HIS A 28 0.50 0.23 1.41
N GLN A 29 -0.02 -0.81 0.78
CA GLN A 29 0.25 -2.18 1.22
C GLN A 29 1.32 -2.83 0.34
N ILE A 30 1.51 -2.28 -0.85
CA ILE A 30 2.51 -2.81 -1.79
C ILE A 30 3.88 -2.90 -1.13
N TYR A 31 4.17 -1.95 -0.25
CA TYR A 31 5.45 -1.92 0.44
C TYR A 31 5.30 -2.37 1.89
N GLN A 32 4.18 -3.00 2.19
CA GLN A 32 3.90 -3.48 3.54
C GLN A 32 4.26 -4.95 3.68
N PHE A 33 4.11 -5.70 2.59
CA PHE A 33 4.42 -7.13 2.59
C PHE A 33 5.88 -7.37 2.20
N THR A 34 6.51 -6.34 1.65
CA THR A 34 7.91 -6.43 1.23
C THR A 34 8.76 -5.38 1.92
N ASP A 35 8.28 -4.14 1.92
CA ASP A 35 9.00 -3.04 2.55
C ASP A 35 10.40 -2.89 1.95
N LYS A 36 10.45 -2.58 0.65
CA LYS A 36 11.72 -2.41 -0.04
C LYS A 36 12.44 -1.16 0.44
N ASP A 37 11.69 -0.08 0.61
CA ASP A 37 12.24 1.18 1.08
C ASP A 37 12.97 1.00 2.41
N LYS A 38 13.48 2.10 2.95
CA LYS A 38 14.20 2.07 4.22
C LYS A 38 13.38 1.36 5.29
N ASP A 39 14.06 0.73 6.24
CA ASP A 39 13.39 0.01 7.31
C ASP A 39 14.04 0.32 8.66
N ASN A 40 14.29 1.60 8.91
CA ASN A 40 14.91 2.03 10.16
C ASN A 40 13.86 2.23 11.25
N VAL A 41 13.05 1.19 11.48
CA VAL A 41 12.00 1.25 12.49
C VAL A 41 12.43 0.52 13.76
N ALA A 42 12.06 1.07 14.90
CA ALA A 42 12.40 0.47 16.18
C ALA A 42 11.15 0.17 17.00
N PRO A 43 11.28 -0.77 17.96
CA PRO A 43 10.16 -1.16 18.83
C PRO A 43 9.77 -0.07 19.81
N ARG A 44 10.76 0.62 20.35
CA ARG A 44 10.52 1.70 21.31
C ARG A 44 9.62 2.77 20.70
N SER A 45 9.65 2.87 19.37
CA SER A 45 8.84 3.86 18.67
C SER A 45 7.88 3.18 17.70
N LYS A 46 7.45 1.97 18.05
CA LYS A 46 6.53 1.22 17.20
C LYS A 46 5.79 0.16 18.03
N ILE A 47 4.48 0.09 17.86
CA ILE A 47 3.66 -0.88 18.57
C ILE A 47 3.41 -2.12 17.74
N SER A 48 3.01 -3.20 18.40
CA SER A 48 2.74 -4.46 17.71
C SER A 48 1.65 -5.25 18.44
N PRO A 49 0.41 -4.74 18.34
CA PRO A 49 -0.75 -5.38 18.98
C PRO A 49 -1.13 -6.69 18.31
N GLN A 50 -1.18 -6.68 16.97
CA GLN A 50 -1.53 -7.87 16.21
C GLN A 50 -2.91 -8.37 16.59
N GLY A 51 -3.72 -7.50 17.19
CA GLY A 51 -5.05 -7.87 17.60
C GLY A 51 -6.12 -7.26 16.71
N TYR A 52 -6.02 -7.49 15.41
CA TYR A 52 -6.99 -6.96 14.46
C TYR A 52 -7.98 -8.03 14.03
N NH2 A 53 -9.19 -7.61 13.70
HN1 NH2 A 53 -9.40 -6.63 13.74
HN2 NH2 A 53 -9.88 -8.26 13.41
N TYR A 1 -16.59 9.84 10.17
CA TYR A 1 -15.17 10.07 10.37
C TYR A 1 -14.34 9.16 9.45
N ARG A 2 -14.69 7.89 9.42
CA ARG A 2 -13.97 6.92 8.59
C ARG A 2 -14.62 5.54 8.69
N GLN A 3 -15.64 5.31 7.85
CA GLN A 3 -16.34 4.03 7.84
C GLN A 3 -16.94 3.75 6.48
N SER A 4 -17.31 2.50 6.24
CA SER A 4 -17.89 2.10 4.97
C SER A 4 -19.28 1.49 5.17
N MET A 5 -19.86 0.97 4.09
CA MET A 5 -21.18 0.36 4.15
C MET A 5 -21.09 -1.14 3.94
N ASN A 6 -20.43 -1.54 2.86
CA ASN A 6 -20.27 -2.96 2.53
C ASN A 6 -19.32 -3.15 1.35
N ASN A 7 -18.79 -4.36 1.21
CA ASN A 7 -17.87 -4.67 0.14
C ASN A 7 -17.62 -6.17 0.04
N PHE A 8 -17.59 -6.69 -1.19
CA PHE A 8 -17.36 -8.12 -1.41
C PHE A 8 -16.07 -8.57 -0.75
N GLN A 9 -15.76 -9.86 -0.89
CA GLN A 9 -14.55 -10.41 -0.31
C GLN A 9 -13.32 -9.64 -0.76
N GLY A 10 -13.22 -9.40 -2.06
CA GLY A 10 -12.08 -8.66 -2.60
C GLY A 10 -11.77 -9.06 -4.03
N LEU A 11 -12.80 -9.32 -4.82
CA LEU A 11 -12.63 -9.71 -6.22
C LEU A 11 -11.92 -8.61 -7.00
N ARG A 12 -12.60 -7.48 -7.17
CA ARG A 12 -12.03 -6.35 -7.90
C ARG A 12 -11.15 -5.50 -6.99
N SER A 13 -11.49 -5.45 -5.71
CA SER A 13 -10.74 -4.67 -4.74
C SER A 13 -10.45 -3.27 -5.28
N PHE A 14 -11.39 -2.73 -6.05
CA PHE A 14 -11.24 -1.40 -6.63
C PHE A 14 -12.46 -1.04 -7.47
N GLY A 15 -12.83 0.24 -7.44
CA GLY A 15 -13.98 0.70 -8.21
C GLY A 15 -14.06 2.21 -8.27
N CYS A 16 -12.92 2.87 -8.08
CA CYS A 16 -12.87 4.33 -8.11
C CYS A 16 -11.48 4.81 -8.51
N ARG A 17 -11.44 5.77 -9.43
CA ARG A 17 -10.17 6.32 -9.90
C ARG A 17 -9.40 6.98 -8.75
N PHE A 18 -10.02 7.97 -8.13
CA PHE A 18 -9.39 8.68 -7.01
C PHE A 18 -10.45 9.17 -6.03
N GLY A 19 -9.99 9.80 -4.95
CA GLY A 19 -10.90 10.31 -3.94
C GLY A 19 -10.98 9.42 -2.72
N THR A 20 -11.39 8.18 -2.92
CA THR A 20 -11.53 7.22 -1.83
C THR A 20 -10.55 6.06 -2.00
N CYS A 21 -10.30 5.68 -3.25
CA CYS A 21 -9.39 4.58 -3.55
C CYS A 21 -8.62 4.86 -4.84
N THR A 22 -7.35 4.44 -4.86
CA THR A 22 -6.50 4.65 -6.03
C THR A 22 -5.13 4.02 -5.83
N VAL A 23 -4.28 4.12 -6.84
CA VAL A 23 -2.93 3.56 -6.78
C VAL A 23 -2.20 4.06 -5.54
N GLN A 24 -2.52 5.27 -5.11
CA GLN A 24 -1.89 5.85 -3.93
C GLN A 24 -2.30 5.11 -2.66
N LYS A 25 -3.59 4.81 -2.55
CA LYS A 25 -4.12 4.11 -1.39
C LYS A 25 -3.82 2.61 -1.49
N LEU A 26 -3.63 2.13 -2.71
CA LEU A 26 -3.33 0.72 -2.93
C LEU A 26 -1.85 0.42 -2.70
N ALA A 27 -0.99 1.30 -3.21
CA ALA A 27 0.44 1.13 -3.05
C ALA A 27 0.84 1.11 -1.58
N HIS A 28 -0.05 1.62 -0.73
CA HIS A 28 0.20 1.67 0.71
C HIS A 28 0.56 0.28 1.24
N GLN A 29 0.09 -0.75 0.55
CA GLN A 29 0.36 -2.13 0.96
C GLN A 29 1.46 -2.74 0.09
N ILE A 30 1.68 -2.15 -1.08
CA ILE A 30 2.71 -2.64 -2.00
C ILE A 30 4.07 -2.75 -1.31
N TYR A 31 4.31 -1.85 -0.37
CA TYR A 31 5.57 -1.84 0.37
C TYR A 31 5.38 -2.36 1.79
N GLN A 32 4.26 -3.03 2.01
CA GLN A 32 3.94 -3.58 3.34
C GLN A 32 4.31 -5.05 3.41
N PHE A 33 4.25 -5.73 2.27
CA PHE A 33 4.57 -7.16 2.21
C PHE A 33 6.04 -7.37 1.85
N THR A 34 6.68 -6.31 1.35
CA THR A 34 8.08 -6.37 0.95
C THR A 34 8.91 -5.35 1.72
N ASP A 35 8.38 -4.14 1.86
CA ASP A 35 9.08 -3.08 2.58
C ASP A 35 10.48 -2.86 2.00
N LYS A 36 10.56 -2.09 0.92
CA LYS A 36 11.83 -1.81 0.27
C LYS A 36 12.43 -0.52 0.80
N ASP A 37 11.75 0.60 0.55
CA ASP A 37 12.21 1.90 1.01
C ASP A 37 11.85 2.13 2.47
N LYS A 38 12.24 3.28 3.01
CA LYS A 38 11.95 3.61 4.40
C LYS A 38 10.56 4.24 4.52
N ASP A 39 9.85 3.89 5.60
CA ASP A 39 8.52 4.42 5.84
C ASP A 39 8.45 5.11 7.19
N ASN A 40 9.33 6.10 7.39
CA ASN A 40 9.36 6.84 8.65
C ASN A 40 9.46 8.34 8.37
N VAL A 41 8.92 8.78 7.24
CA VAL A 41 8.95 10.19 6.87
C VAL A 41 7.91 10.98 7.65
N ALA A 42 8.27 12.20 8.02
CA ALA A 42 7.37 13.06 8.78
C ALA A 42 7.22 14.43 8.10
N PRO A 43 6.11 15.13 8.41
CA PRO A 43 5.83 16.45 7.85
C PRO A 43 6.78 17.52 8.38
N ARG A 44 7.40 17.24 9.52
CA ARG A 44 8.33 18.18 10.13
C ARG A 44 9.68 18.16 9.41
N SER A 45 10.08 16.97 8.96
CA SER A 45 11.35 16.82 8.26
C SER A 45 11.22 17.24 6.80
N LYS A 46 10.16 16.79 6.16
CA LYS A 46 9.92 17.12 4.75
C LYS A 46 9.10 18.39 4.62
N ILE A 47 8.76 18.76 3.39
CA ILE A 47 7.97 19.96 3.14
C ILE A 47 6.51 19.60 2.85
N SER A 48 5.64 20.60 2.96
CA SER A 48 4.21 20.38 2.71
C SER A 48 3.59 21.62 2.05
N PRO A 49 3.91 21.82 0.76
CA PRO A 49 3.40 22.96 -0.01
C PRO A 49 1.91 22.83 -0.30
N GLN A 50 1.38 21.63 -0.14
CA GLN A 50 -0.04 21.39 -0.38
C GLN A 50 -0.91 22.37 0.39
N GLY A 51 -0.47 22.72 1.59
CA GLY A 51 -1.21 23.66 2.42
C GLY A 51 -0.81 25.10 2.16
N TYR A 52 -1.59 25.78 1.33
CA TYR A 52 -1.31 27.18 1.00
C TYR A 52 -1.96 28.12 2.01
N NH2 A 53 -1.14 28.88 2.72
HN1 NH2 A 53 -0.15 28.82 2.56
HN2 NH2 A 53 -1.51 29.52 3.39
N TYR A 1 -22.33 -18.22 2.81
CA TYR A 1 -23.21 -17.26 3.48
C TYR A 1 -22.48 -15.97 3.79
N ARG A 2 -21.29 -16.09 4.35
CA ARG A 2 -20.48 -14.92 4.70
C ARG A 2 -19.01 -15.14 4.33
N GLN A 3 -18.54 -16.37 4.50
CA GLN A 3 -17.17 -16.71 4.18
C GLN A 3 -16.86 -16.46 2.71
N SER A 4 -15.59 -16.52 2.35
CA SER A 4 -15.18 -16.29 0.97
C SER A 4 -14.84 -17.61 0.27
N MET A 5 -14.86 -17.59 -1.05
CA MET A 5 -14.56 -18.79 -1.83
C MET A 5 -13.22 -18.64 -2.56
N ASN A 6 -13.15 -17.67 -3.46
CA ASN A 6 -11.92 -17.42 -4.22
C ASN A 6 -11.94 -16.04 -4.85
N ASN A 7 -10.77 -15.56 -5.27
CA ASN A 7 -10.65 -14.25 -5.89
C ASN A 7 -9.33 -14.12 -6.65
N PHE A 8 -9.42 -13.75 -7.91
CA PHE A 8 -8.23 -13.59 -8.75
C PHE A 8 -7.25 -12.61 -8.11
N GLN A 9 -6.13 -12.39 -8.80
CA GLN A 9 -5.11 -11.47 -8.29
C GLN A 9 -5.71 -10.09 -8.02
N GLY A 10 -6.47 -9.58 -8.98
CA GLY A 10 -7.09 -8.28 -8.82
C GLY A 10 -7.32 -7.57 -10.15
N LEU A 11 -7.72 -8.33 -11.15
CA LEU A 11 -7.97 -7.78 -12.47
C LEU A 11 -9.12 -6.78 -12.44
N ARG A 12 -10.27 -7.22 -11.95
CA ARG A 12 -11.45 -6.38 -11.86
C ARG A 12 -11.58 -5.78 -10.46
N SER A 13 -10.46 -5.71 -9.74
CA SER A 13 -10.45 -5.17 -8.39
C SER A 13 -10.16 -3.68 -8.40
N PHE A 14 -11.13 -2.89 -8.86
CA PHE A 14 -10.98 -1.44 -8.92
C PHE A 14 -12.22 -0.78 -9.52
N GLY A 15 -12.56 0.39 -9.01
CA GLY A 15 -13.74 1.10 -9.50
C GLY A 15 -13.74 2.56 -9.08
N CYS A 16 -12.58 3.07 -8.71
CA CYS A 16 -12.45 4.47 -8.28
C CYS A 16 -11.16 5.08 -8.79
N ARG A 17 -11.28 6.09 -9.64
CA ARG A 17 -10.12 6.77 -10.21
C ARG A 17 -9.22 7.33 -9.11
N PHE A 18 -9.82 8.10 -8.21
CA PHE A 18 -9.08 8.70 -7.10
C PHE A 18 -10.00 9.06 -5.94
N GLY A 19 -9.49 9.01 -4.72
CA GLY A 19 -10.28 9.33 -3.56
C GLY A 19 -10.55 8.12 -2.69
N THR A 20 -9.71 7.92 -1.68
CA THR A 20 -9.86 6.78 -0.77
C THR A 20 -10.00 5.48 -1.55
N CYS A 21 -9.44 5.45 -2.76
CA CYS A 21 -9.49 4.26 -3.59
C CYS A 21 -8.73 4.48 -4.90
N THR A 22 -7.44 4.15 -4.89
CA THR A 22 -6.61 4.31 -6.07
C THR A 22 -5.21 3.71 -5.85
N VAL A 23 -4.37 3.80 -6.87
CA VAL A 23 -3.01 3.27 -6.78
C VAL A 23 -2.30 3.79 -5.53
N GLN A 24 -2.66 5.00 -5.11
CA GLN A 24 -2.06 5.61 -3.92
C GLN A 24 -2.52 4.89 -2.65
N LYS A 25 -3.82 4.64 -2.56
CA LYS A 25 -4.38 3.97 -1.40
C LYS A 25 -4.07 2.48 -1.43
N LEU A 26 -3.76 1.97 -2.62
CA LEU A 26 -3.44 0.55 -2.78
C LEU A 26 -1.96 0.30 -2.53
N ALA A 27 -1.12 1.20 -3.02
CA ALA A 27 0.32 1.07 -2.85
C ALA A 27 0.70 1.06 -1.38
N HIS A 28 -0.22 1.54 -0.53
CA HIS A 28 0.02 1.59 0.90
C HIS A 28 0.44 0.22 1.43
N GLN A 29 -0.01 -0.84 0.76
CA GLN A 29 0.31 -2.19 1.16
C GLN A 29 1.46 -2.75 0.32
N ILE A 30 1.66 -2.17 -0.86
CA ILE A 30 2.71 -2.60 -1.76
C ILE A 30 4.06 -2.62 -1.06
N TYR A 31 4.25 -1.71 -0.11
CA TYR A 31 5.49 -1.62 0.64
C TYR A 31 5.30 -2.09 2.08
N GLN A 32 4.25 -2.87 2.30
CA GLN A 32 3.94 -3.38 3.63
C GLN A 32 4.34 -4.85 3.74
N PHE A 33 4.23 -5.58 2.63
CA PHE A 33 4.57 -7.00 2.61
C PHE A 33 6.05 -7.19 2.28
N THR A 34 6.67 -6.17 1.70
CA THR A 34 8.08 -6.22 1.33
C THR A 34 8.79 -4.94 1.73
N ASP A 35 8.13 -3.81 1.52
CA ASP A 35 8.71 -2.51 1.85
C ASP A 35 9.95 -2.23 0.99
N LYS A 36 9.74 -2.19 -0.33
CA LYS A 36 10.82 -1.93 -1.26
C LYS A 36 10.90 -0.44 -1.59
N ASP A 37 9.77 0.23 -1.54
CA ASP A 37 9.71 1.66 -1.83
C ASP A 37 10.65 2.44 -0.91
N LYS A 38 10.63 3.76 -1.05
CA LYS A 38 11.48 4.63 -0.24
C LYS A 38 11.32 4.31 1.25
N ASP A 39 12.33 4.65 2.03
CA ASP A 39 12.30 4.40 3.47
C ASP A 39 13.06 5.49 4.22
N ASN A 40 12.58 6.73 4.11
CA ASN A 40 13.22 7.85 4.78
C ASN A 40 14.71 7.89 4.49
N VAL A 41 15.08 7.54 3.25
CA VAL A 41 16.47 7.54 2.84
C VAL A 41 16.99 8.95 2.65
N ALA A 42 18.26 9.17 3.00
CA ALA A 42 18.89 10.47 2.88
C ALA A 42 19.23 10.78 1.43
N PRO A 43 19.43 12.08 1.13
CA PRO A 43 19.77 12.52 -0.23
C PRO A 43 21.18 12.12 -0.64
N ARG A 44 22.02 11.82 0.35
CA ARG A 44 23.39 11.41 0.09
C ARG A 44 23.46 9.94 -0.32
N SER A 45 22.58 9.13 0.26
CA SER A 45 22.55 7.70 -0.04
C SER A 45 22.01 7.47 -1.45
N LYS A 46 20.99 8.22 -1.82
CA LYS A 46 20.37 8.09 -3.14
C LYS A 46 20.22 9.45 -3.80
N ILE A 47 20.43 9.50 -5.11
CA ILE A 47 20.32 10.74 -5.87
C ILE A 47 18.90 10.94 -6.37
N SER A 48 18.57 12.18 -6.73
CA SER A 48 17.24 12.51 -7.22
C SER A 48 17.29 13.72 -8.15
N PRO A 49 17.82 13.52 -9.37
CA PRO A 49 17.93 14.58 -10.37
C PRO A 49 16.58 15.01 -10.92
N GLN A 50 15.64 14.08 -10.97
CA GLN A 50 14.30 14.36 -11.47
C GLN A 50 14.36 14.83 -12.92
N GLY A 51 14.10 13.90 -13.84
CA GLY A 51 14.13 14.23 -15.25
C GLY A 51 13.03 15.20 -15.65
N TYR A 52 13.37 16.48 -15.72
CA TYR A 52 12.40 17.52 -16.06
C TYR A 52 11.91 17.33 -17.50
N NH2 A 53 10.79 17.96 -17.81
HN1 NH2 A 53 10.32 18.51 -17.13
HN2 NH2 A 53 10.41 17.88 -18.74
N TYR A 1 -25.03 -7.09 -4.43
CA TYR A 1 -24.95 -7.81 -3.16
C TYR A 1 -24.68 -6.84 -2.01
N ARG A 2 -25.01 -7.27 -0.80
CA ARG A 2 -24.81 -6.44 0.39
C ARG A 2 -23.32 -6.26 0.66
N GLN A 3 -22.64 -7.34 1.02
CA GLN A 3 -21.21 -7.28 1.31
C GLN A 3 -20.39 -7.50 0.04
N SER A 4 -19.07 -7.48 0.18
CA SER A 4 -18.17 -7.66 -0.96
C SER A 4 -18.10 -9.13 -1.34
N MET A 5 -17.82 -9.38 -2.62
CA MET A 5 -17.72 -10.74 -3.13
C MET A 5 -16.70 -10.83 -4.26
N ASN A 6 -16.06 -12.00 -4.39
CA ASN A 6 -15.07 -12.20 -5.43
C ASN A 6 -15.23 -13.58 -6.06
N ASN A 7 -15.36 -13.61 -7.39
CA ASN A 7 -15.52 -14.86 -8.11
C ASN A 7 -14.34 -15.11 -9.05
N PHE A 8 -13.68 -14.02 -9.45
CA PHE A 8 -12.53 -14.11 -10.34
C PHE A 8 -11.25 -13.68 -9.63
N GLN A 9 -10.15 -13.64 -10.38
CA GLN A 9 -8.86 -13.24 -9.82
C GLN A 9 -8.88 -11.76 -9.45
N GLY A 10 -9.28 -10.92 -10.40
CA GLY A 10 -9.32 -9.49 -10.16
C GLY A 10 -9.35 -8.69 -11.44
N LEU A 11 -10.50 -8.67 -12.11
CA LEU A 11 -10.65 -7.93 -13.35
C LEU A 11 -11.55 -6.72 -13.16
N ARG A 12 -12.72 -6.94 -12.59
CA ARG A 12 -13.68 -5.87 -12.34
C ARG A 12 -13.56 -5.34 -10.92
N SER A 13 -12.50 -5.76 -10.23
CA SER A 13 -12.27 -5.33 -8.85
C SER A 13 -11.74 -3.90 -8.81
N PHE A 14 -12.57 -2.95 -9.22
CA PHE A 14 -12.18 -1.55 -9.22
C PHE A 14 -13.31 -0.67 -9.75
N GLY A 15 -13.42 0.53 -9.21
CA GLY A 15 -14.46 1.45 -9.64
C GLY A 15 -14.22 2.87 -9.17
N CYS A 16 -12.97 3.19 -8.86
CA CYS A 16 -12.61 4.51 -8.39
C CYS A 16 -11.15 4.84 -8.74
N ARG A 17 -10.97 5.75 -9.69
CA ARG A 17 -9.64 6.15 -10.11
C ARG A 17 -8.97 7.03 -9.06
N PHE A 18 -9.79 7.77 -8.32
CA PHE A 18 -9.28 8.65 -7.28
C PHE A 18 -10.40 9.09 -6.35
N GLY A 19 -10.38 8.57 -5.12
CA GLY A 19 -11.40 8.91 -4.15
C GLY A 19 -11.67 7.80 -3.16
N THR A 20 -10.98 7.84 -2.02
CA THR A 20 -11.14 6.83 -0.98
C THR A 20 -10.67 5.47 -1.48
N CYS A 21 -9.99 5.46 -2.62
CA CYS A 21 -9.48 4.22 -3.21
C CYS A 21 -8.79 4.49 -4.53
N THR A 22 -7.47 4.37 -4.55
CA THR A 22 -6.69 4.61 -5.76
C THR A 22 -5.33 3.91 -5.67
N VAL A 23 -4.55 4.02 -6.75
CA VAL A 23 -3.23 3.40 -6.80
C VAL A 23 -2.41 3.77 -5.58
N GLN A 24 -2.64 4.98 -5.05
CA GLN A 24 -1.92 5.46 -3.88
C GLN A 24 -2.35 4.69 -2.62
N LYS A 25 -3.61 4.84 -2.25
CA LYS A 25 -4.15 4.17 -1.08
C LYS A 25 -3.89 2.67 -1.14
N LEU A 26 -3.80 2.14 -2.36
CA LEU A 26 -3.56 0.72 -2.56
C LEU A 26 -2.06 0.40 -2.45
N ALA A 27 -1.24 1.27 -3.03
CA ALA A 27 0.20 1.08 -2.98
C ALA A 27 0.73 1.14 -1.55
N HIS A 28 -0.10 1.65 -0.65
CA HIS A 28 0.28 1.76 0.76
C HIS A 28 0.69 0.41 1.32
N GLN A 29 0.16 -0.66 0.72
CA GLN A 29 0.48 -2.01 1.16
C GLN A 29 1.52 -2.66 0.25
N ILE A 30 1.65 -2.12 -0.96
CA ILE A 30 2.62 -2.64 -1.91
C ILE A 30 4.02 -2.70 -1.31
N TYR A 31 4.33 -1.74 -0.45
CA TYR A 31 5.63 -1.67 0.19
C TYR A 31 5.54 -2.10 1.66
N GLN A 32 4.44 -2.76 2.00
CA GLN A 32 4.23 -3.21 3.37
C GLN A 32 4.62 -4.68 3.52
N PHE A 33 4.46 -5.44 2.45
CA PHE A 33 4.81 -6.86 2.46
C PHE A 33 6.25 -7.08 2.02
N THR A 34 6.85 -6.04 1.45
CA THR A 34 8.23 -6.12 0.98
C THR A 34 9.11 -5.08 1.67
N ASP A 35 8.58 -3.85 1.79
CA ASP A 35 9.32 -2.78 2.44
C ASP A 35 10.67 -2.57 1.77
N LYS A 36 10.64 -2.06 0.53
CA LYS A 36 11.86 -1.80 -0.22
C LYS A 36 12.69 -0.70 0.44
N ASP A 37 12.01 0.27 1.03
CA ASP A 37 12.69 1.38 1.69
C ASP A 37 13.56 0.88 2.85
N LYS A 38 14.17 1.81 3.57
CA LYS A 38 15.03 1.45 4.70
C LYS A 38 14.31 1.69 6.02
N ASP A 39 14.44 0.74 6.94
CA ASP A 39 13.81 0.85 8.24
C ASP A 39 14.82 0.65 9.36
N ASN A 40 16.06 1.07 9.12
CA ASN A 40 17.12 0.94 10.10
C ASN A 40 17.15 2.13 11.05
N VAL A 41 16.00 2.41 11.67
CA VAL A 41 15.90 3.53 12.59
C VAL A 41 16.67 3.25 13.88
N ALA A 42 17.33 4.27 14.40
CA ALA A 42 18.11 4.13 15.63
C ALA A 42 17.62 5.11 16.70
N PRO A 43 17.92 4.79 17.97
CA PRO A 43 17.52 5.62 19.10
C PRO A 43 18.27 6.95 19.15
N ARG A 44 19.45 6.97 18.53
CA ARG A 44 20.27 8.18 18.51
C ARG A 44 19.47 9.36 17.99
N SER A 45 18.52 9.09 17.11
CA SER A 45 17.69 10.15 16.54
C SER A 45 16.35 10.25 17.27
N LYS A 46 16.00 11.46 17.67
CA LYS A 46 14.76 11.70 18.39
C LYS A 46 13.56 11.58 17.45
N ILE A 47 13.01 10.38 17.35
CA ILE A 47 11.86 10.14 16.49
C ILE A 47 10.73 9.47 17.26
N SER A 48 9.52 9.52 16.70
CA SER A 48 8.35 8.93 17.34
C SER A 48 7.36 8.43 16.29
N PRO A 49 7.72 7.33 15.62
CA PRO A 49 6.88 6.73 14.58
C PRO A 49 5.62 6.08 15.15
N GLN A 50 5.43 6.24 16.46
CA GLN A 50 4.26 5.66 17.13
C GLN A 50 3.02 5.77 16.25
N GLY A 51 2.46 6.97 16.17
CA GLY A 51 1.27 7.17 15.36
C GLY A 51 1.60 7.52 13.93
N TYR A 52 2.49 6.74 13.33
CA TYR A 52 2.91 6.96 11.94
C TYR A 52 3.25 5.65 11.26
N NH2 A 53 3.50 5.72 9.96
HN1 NH2 A 53 3.46 6.60 9.49
HN2 NH2 A 53 3.73 4.89 9.45
N TYR A 1 -19.60 -6.86 11.83
CA TYR A 1 -18.53 -6.85 10.84
C TYR A 1 -18.89 -7.73 9.64
N ARG A 2 -18.33 -7.40 8.48
CA ARG A 2 -18.59 -8.15 7.27
C ARG A 2 -17.37 -8.13 6.34
N GLN A 3 -17.47 -8.83 5.22
CA GLN A 3 -16.38 -8.90 4.26
C GLN A 3 -16.89 -8.72 2.83
N SER A 4 -15.98 -8.80 1.87
CA SER A 4 -16.34 -8.64 0.47
C SER A 4 -16.42 -10.00 -0.22
N MET A 5 -17.02 -10.01 -1.42
CA MET A 5 -17.15 -11.24 -2.19
C MET A 5 -16.61 -11.06 -3.60
N ASN A 6 -16.21 -12.16 -4.22
CA ASN A 6 -15.67 -12.13 -5.57
C ASN A 6 -15.86 -13.48 -6.27
N ASN A 7 -15.77 -13.47 -7.60
CA ASN A 7 -15.93 -14.68 -8.38
C ASN A 7 -14.68 -14.97 -9.22
N PHE A 8 -14.04 -13.90 -9.68
CA PHE A 8 -12.83 -14.04 -10.49
C PHE A 8 -11.61 -13.52 -9.73
N GLN A 9 -10.47 -13.50 -10.41
CA GLN A 9 -9.22 -13.04 -9.80
C GLN A 9 -9.32 -11.56 -9.44
N GLY A 10 -9.31 -10.71 -10.46
CA GLY A 10 -9.39 -9.28 -10.23
C GLY A 10 -9.40 -8.48 -11.51
N LEU A 11 -9.95 -9.06 -12.57
CA LEU A 11 -10.01 -8.40 -13.87
C LEU A 11 -10.62 -7.01 -13.74
N ARG A 12 -11.90 -6.95 -13.40
CA ARG A 12 -12.59 -5.68 -13.24
C ARG A 12 -12.57 -5.23 -11.78
N SER A 13 -11.51 -5.58 -11.07
CA SER A 13 -11.36 -5.22 -9.66
C SER A 13 -10.96 -3.75 -9.52
N PHE A 14 -11.87 -2.85 -9.91
CA PHE A 14 -11.60 -1.43 -9.82
C PHE A 14 -12.79 -0.63 -10.34
N GLY A 15 -13.05 0.52 -9.72
CA GLY A 15 -14.15 1.37 -10.13
C GLY A 15 -14.07 2.76 -9.56
N CYS A 16 -12.87 3.17 -9.17
CA CYS A 16 -12.65 4.49 -8.60
C CYS A 16 -11.29 5.04 -9.00
N ARG A 17 -11.29 6.17 -9.70
CA ARG A 17 -10.05 6.80 -10.14
C ARG A 17 -9.20 7.23 -8.96
N PHE A 18 -9.75 8.11 -8.13
CA PHE A 18 -9.05 8.60 -6.95
C PHE A 18 -10.03 9.05 -5.87
N GLY A 19 -9.51 9.28 -4.66
CA GLY A 19 -10.36 9.70 -3.57
C GLY A 19 -10.19 8.83 -2.34
N THR A 20 -10.94 7.74 -2.29
CA THR A 20 -10.87 6.83 -1.15
C THR A 20 -10.16 5.53 -1.53
N CYS A 21 -10.16 5.21 -2.83
CA CYS A 21 -9.51 4.01 -3.32
C CYS A 21 -8.81 4.28 -4.64
N THR A 22 -7.54 3.87 -4.72
CA THR A 22 -6.76 4.07 -5.94
C THR A 22 -5.38 3.42 -5.82
N VAL A 23 -4.60 3.50 -6.89
CA VAL A 23 -3.25 2.93 -6.90
C VAL A 23 -2.45 3.38 -5.68
N GLN A 24 -2.74 4.59 -5.20
CA GLN A 24 -2.05 5.14 -4.04
C GLN A 24 -2.46 4.42 -2.77
N LYS A 25 -3.74 4.54 -2.41
CA LYS A 25 -4.26 3.89 -1.21
C LYS A 25 -3.95 2.40 -1.22
N LEU A 26 -3.84 1.84 -2.41
CA LEU A 26 -3.54 0.41 -2.55
C LEU A 26 -2.05 0.15 -2.41
N ALA A 27 -1.24 1.00 -3.02
CA ALA A 27 0.22 0.87 -2.96
C ALA A 27 0.71 1.01 -1.52
N HIS A 28 -0.14 1.56 -0.66
CA HIS A 28 0.22 1.76 0.74
C HIS A 28 0.66 0.45 1.38
N GLN A 29 0.18 -0.66 0.84
CA GLN A 29 0.52 -1.98 1.36
C GLN A 29 1.59 -2.65 0.50
N ILE A 30 1.73 -2.17 -0.74
CA ILE A 30 2.71 -2.72 -1.66
C ILE A 30 4.10 -2.72 -1.03
N TYR A 31 4.38 -1.73 -0.20
CA TYR A 31 5.67 -1.61 0.46
C TYR A 31 5.57 -1.99 1.94
N GLN A 32 4.49 -2.68 2.29
CA GLN A 32 4.26 -3.09 3.66
C GLN A 32 4.67 -4.55 3.86
N PHE A 33 4.54 -5.34 2.80
CA PHE A 33 4.88 -6.75 2.86
C PHE A 33 6.31 -6.99 2.37
N THR A 34 6.86 -6.00 1.66
CA THR A 34 8.20 -6.10 1.13
C THR A 34 9.02 -4.86 1.48
N ASP A 35 8.39 -3.69 1.35
CA ASP A 35 9.06 -2.43 1.65
C ASP A 35 10.28 -2.22 0.75
N LYS A 36 10.03 -1.88 -0.51
CA LYS A 36 11.10 -1.66 -1.47
C LYS A 36 11.82 -0.35 -1.19
N ASP A 37 12.91 -0.11 -1.91
CA ASP A 37 13.69 1.11 -1.73
C ASP A 37 14.05 1.31 -0.27
N LYS A 38 14.31 0.22 0.43
CA LYS A 38 14.67 0.28 1.85
C LYS A 38 16.03 0.96 2.03
N ASP A 39 16.23 1.53 3.21
CA ASP A 39 17.50 2.20 3.52
C ASP A 39 17.97 1.86 4.93
N ASN A 40 18.44 0.63 5.10
CA ASN A 40 18.93 0.18 6.40
C ASN A 40 17.85 0.31 7.47
N VAL A 41 16.85 -0.56 7.41
CA VAL A 41 15.75 -0.53 8.37
C VAL A 41 15.25 -1.94 8.68
N ALA A 42 14.89 -2.18 9.93
CA ALA A 42 14.39 -3.48 10.35
C ALA A 42 13.06 -3.35 11.08
N PRO A 43 12.29 -4.45 11.11
CA PRO A 43 10.98 -4.48 11.75
C PRO A 43 11.08 -4.39 13.27
N ARG A 44 12.12 -5.00 13.83
CA ARG A 44 12.34 -4.98 15.27
C ARG A 44 13.21 -3.80 15.68
N SER A 45 14.31 -3.60 14.95
CA SER A 45 15.23 -2.52 15.24
C SER A 45 14.81 -1.24 14.52
N LYS A 46 15.03 -0.11 15.17
CA LYS A 46 14.68 1.19 14.60
C LYS A 46 15.87 2.14 14.61
N ILE A 47 17.08 1.57 14.57
CA ILE A 47 18.29 2.37 14.58
C ILE A 47 18.93 2.43 13.19
N SER A 48 19.81 3.41 12.99
CA SER A 48 20.48 3.57 11.71
C SER A 48 21.91 4.07 11.91
N PRO A 49 22.76 3.20 12.48
CA PRO A 49 24.16 3.53 12.74
C PRO A 49 24.98 3.63 11.46
N GLN A 50 24.31 3.49 10.32
CA GLN A 50 24.97 3.56 9.02
C GLN A 50 25.26 5.01 8.64
N GLY A 51 24.23 5.84 8.68
CA GLY A 51 24.39 7.25 8.34
C GLY A 51 25.04 8.05 9.46
N TYR A 52 25.34 7.37 10.56
CA TYR A 52 25.96 8.02 11.71
C TYR A 52 27.17 8.85 11.28
N NH2 A 53 27.63 9.73 12.16
HN1 NH2 A 53 27.18 9.82 13.04
HN2 NH2 A 53 28.42 10.30 11.94
N TYR A 1 6.39 1.86 11.15
CA TYR A 1 5.26 2.34 10.37
C TYR A 1 4.05 1.43 10.54
N ARG A 2 2.98 1.98 11.11
CA ARG A 2 1.76 1.22 11.33
C ARG A 2 1.31 0.52 10.05
N GLN A 3 0.34 -0.38 10.19
CA GLN A 3 -0.18 -1.11 9.03
C GLN A 3 -1.39 -1.94 9.43
N SER A 4 -2.04 -2.55 8.44
CA SER A 4 -3.21 -3.39 8.68
C SER A 4 -2.80 -4.80 9.07
N MET A 5 -3.77 -5.59 9.50
CA MET A 5 -3.52 -6.97 9.91
C MET A 5 -4.09 -7.95 8.88
N ASN A 6 -5.01 -7.46 8.05
CA ASN A 6 -5.63 -8.29 7.02
C ASN A 6 -6.23 -7.43 5.92
N ASN A 7 -6.85 -8.08 4.94
CA ASN A 7 -7.47 -7.38 3.83
C ASN A 7 -8.42 -8.31 3.07
N PHE A 8 -9.61 -7.80 2.77
CA PHE A 8 -10.62 -8.57 2.05
C PHE A 8 -10.08 -9.02 0.69
N GLN A 9 -10.94 -9.64 -0.10
CA GLN A 9 -10.56 -10.12 -1.43
C GLN A 9 -10.17 -8.95 -2.34
N GLY A 10 -11.15 -8.12 -2.67
CA GLY A 10 -10.88 -6.98 -3.53
C GLY A 10 -12.14 -6.20 -3.86
N LEU A 11 -13.08 -6.15 -2.90
CA LEU A 11 -14.32 -5.43 -3.10
C LEU A 11 -14.06 -3.96 -3.42
N ARG A 12 -13.34 -3.29 -2.53
CA ARG A 12 -13.01 -1.88 -2.72
C ARG A 12 -11.60 -1.71 -3.25
N SER A 13 -11.05 -2.77 -3.82
CA SER A 13 -9.70 -2.74 -4.36
C SER A 13 -9.55 -1.64 -5.39
N PHE A 14 -10.66 -1.25 -6.01
CA PHE A 14 -10.66 -0.21 -7.01
C PHE A 14 -12.08 0.09 -7.50
N GLY A 15 -12.32 1.35 -7.87
CA GLY A 15 -13.63 1.75 -8.35
C GLY A 15 -13.71 3.23 -8.64
N CYS A 16 -12.87 4.02 -7.97
CA CYS A 16 -12.86 5.46 -8.17
C CYS A 16 -11.63 5.88 -8.96
N ARG A 17 -10.53 5.16 -8.78
CA ARG A 17 -9.29 5.46 -9.48
C ARG A 17 -8.60 6.67 -8.86
N PHE A 18 -9.27 7.30 -7.89
CA PHE A 18 -8.73 8.47 -7.22
C PHE A 18 -9.61 8.87 -6.04
N GLY A 19 -9.05 8.79 -4.83
CA GLY A 19 -9.80 9.15 -3.65
C GLY A 19 -9.66 8.12 -2.54
N THR A 20 -10.71 7.35 -2.31
CA THR A 20 -10.71 6.33 -1.28
C THR A 20 -10.55 4.93 -1.87
N CYS A 21 -9.88 4.86 -3.01
CA CYS A 21 -9.66 3.58 -3.69
C CYS A 21 -8.86 3.78 -4.97
N THR A 22 -7.60 4.20 -4.82
CA THR A 22 -6.72 4.42 -5.96
C THR A 22 -5.35 3.80 -5.74
N VAL A 23 -4.45 4.01 -6.69
CA VAL A 23 -3.10 3.47 -6.60
C VAL A 23 -2.36 4.04 -5.39
N GLN A 24 -2.71 5.27 -5.02
CA GLN A 24 -2.08 5.93 -3.89
C GLN A 24 -2.49 5.26 -2.57
N LYS A 25 -3.72 4.79 -2.52
CA LYS A 25 -4.24 4.13 -1.33
C LYS A 25 -3.95 2.63 -1.37
N LEU A 26 -3.77 2.10 -2.57
CA LEU A 26 -3.49 0.67 -2.75
C LEU A 26 -2.01 0.39 -2.54
N ALA A 27 -1.16 1.30 -3.04
CA ALA A 27 0.28 1.15 -2.91
C ALA A 27 0.70 1.14 -1.45
N HIS A 28 -0.19 1.59 -0.58
CA HIS A 28 0.10 1.64 0.86
C HIS A 28 0.50 0.27 1.38
N GLN A 29 0.04 -0.78 0.69
CA GLN A 29 0.35 -2.15 1.08
C GLN A 29 1.45 -2.73 0.20
N ILE A 30 1.65 -2.12 -0.96
CA ILE A 30 2.67 -2.59 -1.90
C ILE A 30 4.03 -2.67 -1.22
N TYR A 31 4.27 -1.78 -0.25
CA TYR A 31 5.54 -1.75 0.47
C TYR A 31 5.36 -2.29 1.89
N GLN A 32 4.25 -2.98 2.12
CA GLN A 32 3.96 -3.54 3.43
C GLN A 32 4.35 -5.01 3.50
N PHE A 33 4.30 -5.69 2.34
CA PHE A 33 4.65 -7.10 2.28
C PHE A 33 6.12 -7.27 1.90
N THR A 34 6.73 -6.20 1.40
CA THR A 34 8.12 -6.23 1.01
C THR A 34 8.94 -5.20 1.77
N ASP A 35 8.39 -4.00 1.91
CA ASP A 35 9.07 -2.93 2.63
C ASP A 35 10.47 -2.71 2.10
N LYS A 36 10.58 -2.53 0.79
CA LYS A 36 11.88 -2.32 0.14
C LYS A 36 12.58 -1.11 0.74
N ASP A 37 13.78 -0.82 0.23
CA ASP A 37 14.56 0.31 0.72
C ASP A 37 14.91 0.13 2.19
N LYS A 38 15.97 -0.65 2.45
CA LYS A 38 16.41 -0.90 3.82
C LYS A 38 16.93 0.39 4.47
N ASP A 39 16.79 0.47 5.79
CA ASP A 39 17.24 1.64 6.53
C ASP A 39 18.04 1.23 7.75
N ASN A 40 19.01 0.34 7.55
CA ASN A 40 19.85 -0.15 8.64
C ASN A 40 19.00 -0.81 9.72
N VAL A 41 17.95 -1.51 9.30
CA VAL A 41 17.06 -2.19 10.24
C VAL A 41 17.75 -3.39 10.88
N ALA A 42 17.45 -3.63 12.15
CA ALA A 42 18.04 -4.76 12.87
C ALA A 42 17.31 -6.06 12.56
N PRO A 43 17.98 -7.19 12.82
CA PRO A 43 17.42 -8.52 12.57
C PRO A 43 16.28 -8.85 13.53
N ARG A 44 16.45 -8.46 14.80
CA ARG A 44 15.44 -8.73 15.82
C ARG A 44 14.09 -8.14 15.41
N SER A 45 14.12 -7.12 14.55
CA SER A 45 12.91 -6.47 14.09
C SER A 45 11.91 -7.50 13.55
N LYS A 46 10.72 -7.52 14.11
CA LYS A 46 9.68 -8.45 13.69
C LYS A 46 8.90 -7.89 12.49
N ILE A 47 8.72 -8.73 11.48
CA ILE A 47 7.99 -8.32 10.28
C ILE A 47 6.77 -9.20 10.05
N SER A 48 5.84 -8.72 9.23
CA SER A 48 4.62 -9.47 8.92
C SER A 48 4.54 -9.78 7.43
N PRO A 49 5.42 -10.67 6.97
CA PRO A 49 5.46 -11.08 5.55
C PRO A 49 4.26 -11.91 5.16
N GLN A 50 3.54 -12.42 6.15
CA GLN A 50 2.35 -13.24 5.91
C GLN A 50 1.39 -12.54 4.96
N GLY A 51 1.29 -11.22 5.09
CA GLY A 51 0.40 -10.46 4.23
C GLY A 51 0.92 -10.35 2.81
N TYR A 52 0.38 -11.17 1.93
CA TYR A 52 0.80 -11.16 0.52
C TYR A 52 -0.20 -10.39 -0.34
N NH2 A 53 0.17 -10.15 -1.59
HN1 NH2 A 53 1.06 -10.48 -1.91
HN2 NH2 A 53 -0.44 -9.65 -2.21
N TYR A 1 -28.74 8.34 -1.19
CA TYR A 1 -29.75 9.28 -0.74
C TYR A 1 -30.56 8.69 0.42
N ARG A 2 -31.07 7.49 0.23
CA ARG A 2 -31.86 6.82 1.26
C ARG A 2 -32.08 5.35 0.90
N GLN A 3 -31.14 4.77 0.17
CA GLN A 3 -31.24 3.38 -0.24
C GLN A 3 -30.19 2.52 0.48
N SER A 4 -30.34 1.21 0.40
CA SER A 4 -29.40 0.29 1.04
C SER A 4 -27.98 0.53 0.56
N MET A 5 -27.02 -0.11 1.23
CA MET A 5 -25.62 0.03 0.87
C MET A 5 -24.76 -0.97 1.63
N ASN A 6 -23.81 -1.59 0.92
CA ASN A 6 -22.93 -2.57 1.54
C ASN A 6 -21.62 -2.68 0.75
N ASN A 7 -20.80 -3.66 1.12
CA ASN A 7 -19.52 -3.89 0.45
C ASN A 7 -19.16 -5.38 0.45
N PHE A 8 -18.95 -5.92 -0.74
CA PHE A 8 -18.60 -7.33 -0.88
C PHE A 8 -17.31 -7.65 -0.12
N GLN A 9 -16.83 -8.87 -0.26
CA GLN A 9 -15.61 -9.30 0.41
C GLN A 9 -14.41 -8.53 -0.09
N GLY A 10 -14.02 -8.78 -1.34
CA GLY A 10 -12.88 -8.09 -1.92
C GLY A 10 -12.59 -8.53 -3.35
N LEU A 11 -13.64 -8.93 -4.05
CA LEU A 11 -13.51 -9.38 -5.44
C LEU A 11 -12.74 -8.36 -6.27
N ARG A 12 -13.34 -7.19 -6.49
CA ARG A 12 -12.71 -6.13 -7.27
C ARG A 12 -11.81 -5.28 -6.38
N SER A 13 -12.21 -5.10 -5.13
CA SER A 13 -11.45 -4.30 -4.19
C SER A 13 -11.04 -2.97 -4.81
N PHE A 14 -11.91 -2.43 -5.66
CA PHE A 14 -11.64 -1.16 -6.32
C PHE A 14 -12.78 -0.77 -7.25
N GLY A 15 -13.06 0.52 -7.33
CA GLY A 15 -14.13 0.99 -8.18
C GLY A 15 -14.11 2.50 -8.36
N CYS A 16 -12.93 3.10 -8.17
CA CYS A 16 -12.77 4.54 -8.31
C CYS A 16 -11.34 4.89 -8.70
N ARG A 17 -11.20 5.76 -9.70
CA ARG A 17 -9.89 6.18 -10.17
C ARG A 17 -9.11 6.90 -9.06
N PHE A 18 -9.76 7.90 -8.47
CA PHE A 18 -9.13 8.68 -7.40
C PHE A 18 -10.20 9.26 -6.46
N GLY A 19 -9.75 9.74 -5.31
CA GLY A 19 -10.67 10.32 -4.34
C GLY A 19 -10.88 9.43 -3.13
N THR A 20 -11.44 8.26 -3.35
CA THR A 20 -11.70 7.31 -2.27
C THR A 20 -10.76 6.11 -2.35
N CYS A 21 -10.38 5.75 -3.56
CA CYS A 21 -9.48 4.62 -3.78
C CYS A 21 -8.65 4.81 -5.04
N THR A 22 -7.38 4.40 -4.98
CA THR A 22 -6.48 4.53 -6.11
C THR A 22 -5.13 3.90 -5.82
N VAL A 23 -4.24 3.92 -6.81
CA VAL A 23 -2.91 3.34 -6.66
C VAL A 23 -2.21 3.91 -5.42
N GLN A 24 -2.54 5.15 -5.08
CA GLN A 24 -1.94 5.81 -3.93
C GLN A 24 -2.46 5.21 -2.63
N LYS A 25 -3.73 4.80 -2.64
CA LYS A 25 -4.36 4.22 -1.46
C LYS A 25 -4.20 2.70 -1.47
N LEU A 26 -3.72 2.16 -2.58
CA LEU A 26 -3.52 0.72 -2.71
C LEU A 26 -2.05 0.36 -2.49
N ALA A 27 -1.15 1.21 -2.96
CA ALA A 27 0.28 0.98 -2.80
C ALA A 27 0.68 0.97 -1.34
N HIS A 28 -0.21 1.45 -0.48
CA HIS A 28 0.06 1.51 0.95
C HIS A 28 0.54 0.15 1.46
N GLN A 29 0.10 -0.91 0.80
CA GLN A 29 0.49 -2.27 1.19
C GLN A 29 1.55 -2.82 0.25
N ILE A 30 1.68 -2.20 -0.91
CA ILE A 30 2.65 -2.63 -1.91
C ILE A 30 4.07 -2.64 -1.33
N TYR A 31 4.33 -1.70 -0.42
CA TYR A 31 5.64 -1.60 0.21
C TYR A 31 5.60 -2.11 1.65
N GLN A 32 4.52 -2.82 1.99
CA GLN A 32 4.35 -3.36 3.33
C GLN A 32 4.83 -4.81 3.38
N PHE A 33 4.67 -5.53 2.27
CA PHE A 33 5.08 -6.93 2.21
C PHE A 33 6.53 -7.05 1.74
N THR A 34 7.07 -5.94 1.24
CA THR A 34 8.45 -5.92 0.75
C THR A 34 9.26 -4.84 1.46
N ASP A 35 8.67 -3.65 1.58
CA ASP A 35 9.35 -2.54 2.22
C ASP A 35 10.74 -2.31 1.64
N LYS A 36 10.79 -1.81 0.41
CA LYS A 36 12.06 -1.55 -0.26
C LYS A 36 12.62 -0.19 0.14
N ASP A 37 13.78 0.14 -0.40
CA ASP A 37 14.43 1.42 -0.10
C ASP A 37 13.50 2.59 -0.41
N LYS A 38 13.75 3.72 0.23
CA LYS A 38 12.93 4.91 0.03
C LYS A 38 12.83 5.25 -1.45
N ASP A 39 11.68 5.78 -1.85
CA ASP A 39 11.46 6.15 -3.25
C ASP A 39 10.68 7.47 -3.34
N ASN A 40 10.52 8.13 -2.20
CA ASN A 40 9.79 9.40 -2.15
C ASN A 40 9.63 9.88 -0.72
N VAL A 41 10.45 10.85 -0.33
CA VAL A 41 10.39 11.40 1.03
C VAL A 41 10.84 12.86 1.04
N ALA A 42 10.19 13.66 1.87
CA ALA A 42 10.52 15.08 1.99
C ALA A 42 10.76 15.47 3.44
N PRO A 43 11.50 16.57 3.64
CA PRO A 43 11.82 17.07 4.98
C PRO A 43 10.61 17.65 5.69
N ARG A 44 9.83 18.45 4.96
CA ARG A 44 8.63 19.08 5.52
C ARG A 44 7.69 18.03 6.08
N SER A 45 7.58 16.90 5.38
CA SER A 45 6.71 15.81 5.81
C SER A 45 7.09 15.32 7.20
N LYS A 46 6.20 14.56 7.82
CA LYS A 46 6.45 14.02 9.15
C LYS A 46 6.32 12.50 9.16
N ILE A 47 7.25 11.84 9.84
CA ILE A 47 7.24 10.38 9.92
C ILE A 47 7.34 9.90 11.36
N SER A 48 6.97 8.65 11.60
CA SER A 48 7.02 8.08 12.94
C SER A 48 7.36 6.60 12.88
N PRO A 49 8.62 6.29 12.54
CA PRO A 49 9.11 4.92 12.44
C PRO A 49 9.21 4.24 13.81
N GLN A 50 9.68 4.99 14.80
CA GLN A 50 9.83 4.46 16.16
C GLN A 50 10.81 3.28 16.18
N GLY A 51 12.03 3.53 15.70
CA GLY A 51 13.03 2.48 15.68
C GLY A 51 12.53 1.19 15.05
N TYR A 52 12.51 1.15 13.73
CA TYR A 52 12.03 -0.02 13.01
C TYR A 52 13.14 -0.62 12.14
N NH2 A 53 13.24 -1.93 12.14
HN1 NH2 A 53 12.62 -2.48 12.69
HN2 NH2 A 53 13.94 -2.38 11.59
N TYR A 1 -18.35 -6.66 2.57
CA TYR A 1 -18.82 -6.35 1.23
C TYR A 1 -18.31 -7.38 0.21
N ARG A 2 -18.78 -7.27 -1.02
CA ARG A 2 -18.38 -8.18 -2.07
C ARG A 2 -17.04 -7.75 -2.68
N GLN A 3 -16.74 -6.46 -2.59
CA GLN A 3 -15.49 -5.93 -3.13
C GLN A 3 -14.29 -6.64 -2.52
N SER A 4 -14.38 -6.95 -1.23
CA SER A 4 -13.30 -7.63 -0.53
C SER A 4 -13.37 -9.14 -0.76
N MET A 5 -14.40 -9.57 -1.47
CA MET A 5 -14.59 -10.99 -1.75
C MET A 5 -14.47 -11.26 -3.24
N ASN A 6 -13.41 -11.97 -3.64
CA ASN A 6 -13.18 -12.30 -5.04
C ASN A 6 -12.40 -13.60 -5.18
N ASN A 7 -12.63 -14.31 -6.28
CA ASN A 7 -11.94 -15.57 -6.53
C ASN A 7 -11.07 -15.48 -7.78
N PHE A 8 -10.10 -14.57 -7.76
CA PHE A 8 -9.20 -14.38 -8.88
C PHE A 8 -8.08 -13.40 -8.52
N GLN A 9 -7.26 -13.07 -9.52
CA GLN A 9 -6.14 -12.15 -9.30
C GLN A 9 -6.64 -10.71 -9.22
N GLY A 10 -7.03 -10.15 -10.36
CA GLY A 10 -7.51 -8.78 -10.39
C GLY A 10 -8.11 -8.41 -11.74
N LEU A 11 -9.39 -8.72 -11.91
CA LEU A 11 -10.08 -8.42 -13.16
C LEU A 11 -11.16 -7.37 -12.94
N ARG A 12 -12.03 -7.62 -11.96
CA ARG A 12 -13.11 -6.69 -11.65
C ARG A 12 -12.93 -6.09 -10.26
N SER A 13 -11.79 -6.38 -9.64
CA SER A 13 -11.50 -5.89 -8.30
C SER A 13 -11.08 -4.41 -8.35
N PHE A 14 -11.96 -3.57 -8.86
CA PHE A 14 -11.68 -2.14 -8.98
C PHE A 14 -12.85 -1.40 -9.63
N GLY A 15 -13.10 -0.19 -9.17
CA GLY A 15 -14.19 0.60 -9.72
C GLY A 15 -14.10 2.07 -9.34
N CYS A 16 -12.89 2.52 -8.98
CA CYS A 16 -12.68 3.90 -8.59
C CYS A 16 -11.32 4.39 -9.07
N ARG A 17 -11.34 5.40 -9.94
CA ARG A 17 -10.11 5.96 -10.48
C ARG A 17 -9.30 6.64 -9.39
N PHE A 18 -9.93 7.60 -8.70
CA PHE A 18 -9.26 8.33 -7.63
C PHE A 18 -10.26 8.72 -6.54
N GLY A 19 -9.73 9.07 -5.38
CA GLY A 19 -10.59 9.45 -4.26
C GLY A 19 -10.27 8.70 -2.99
N THR A 20 -11.22 7.90 -2.52
CA THR A 20 -11.03 7.12 -1.30
C THR A 20 -10.23 5.85 -1.58
N CYS A 21 -10.30 5.37 -2.81
CA CYS A 21 -9.57 4.16 -3.21
C CYS A 21 -8.85 4.38 -4.54
N THR A 22 -7.55 4.13 -4.54
CA THR A 22 -6.75 4.29 -5.75
C THR A 22 -5.33 3.77 -5.54
N VAL A 23 -4.52 3.82 -6.59
CA VAL A 23 -3.14 3.36 -6.52
C VAL A 23 -2.42 3.99 -5.34
N GLN A 24 -2.79 5.21 -4.99
CA GLN A 24 -2.17 5.91 -3.87
C GLN A 24 -2.55 5.24 -2.54
N LYS A 25 -3.81 4.86 -2.41
CA LYS A 25 -4.28 4.23 -1.19
C LYS A 25 -3.91 2.75 -1.17
N LEU A 26 -3.64 2.19 -2.34
CA LEU A 26 -3.27 0.79 -2.46
C LEU A 26 -1.78 0.60 -2.26
N ALA A 27 -0.99 1.54 -2.79
CA ALA A 27 0.46 1.48 -2.66
C ALA A 27 0.88 1.49 -1.19
N HIS A 28 -0.03 1.91 -0.33
CA HIS A 28 0.25 1.97 1.10
C HIS A 28 0.71 0.61 1.63
N GLN A 29 0.31 -0.44 0.92
CA GLN A 29 0.67 -1.80 1.32
C GLN A 29 1.70 -2.39 0.35
N ILE A 30 1.88 -1.73 -0.79
CA ILE A 30 2.83 -2.18 -1.79
C ILE A 30 4.22 -2.41 -1.18
N TYR A 31 4.53 -1.64 -0.14
CA TYR A 31 5.82 -1.76 0.53
C TYR A 31 5.64 -2.30 1.94
N GLN A 32 4.50 -2.92 2.20
CA GLN A 32 4.22 -3.49 3.51
C GLN A 32 4.36 -5.02 3.49
N PHE A 33 4.19 -5.61 2.31
CA PHE A 33 4.30 -7.05 2.14
C PHE A 33 5.64 -7.43 1.53
N THR A 34 6.33 -6.43 0.98
CA THR A 34 7.63 -6.67 0.35
C THR A 34 8.62 -5.58 0.74
N ASP A 35 8.15 -4.33 0.76
CA ASP A 35 8.99 -3.20 1.12
C ASP A 35 10.19 -3.10 0.17
N LYS A 36 9.92 -2.72 -1.07
CA LYS A 36 10.97 -2.59 -2.07
C LYS A 36 11.91 -1.44 -1.73
N ASP A 37 13.00 -1.31 -2.49
CA ASP A 37 13.97 -0.25 -2.26
C ASP A 37 14.43 -0.23 -0.80
N LYS A 38 14.99 -1.35 -0.36
CA LYS A 38 15.47 -1.47 1.01
C LYS A 38 16.65 -0.54 1.26
N ASP A 39 17.25 -0.65 2.43
CA ASP A 39 18.40 0.19 2.80
C ASP A 39 19.47 0.14 1.70
N ASN A 40 20.11 -1.01 1.57
CA ASN A 40 21.16 -1.19 0.57
C ASN A 40 22.37 -0.32 0.88
N VAL A 41 22.70 -0.23 2.17
CA VAL A 41 23.85 0.57 2.60
C VAL A 41 25.13 -0.24 2.58
N ALA A 42 26.23 0.41 2.20
CA ALA A 42 27.53 -0.25 2.14
C ALA A 42 28.58 0.54 2.91
N PRO A 43 29.64 -0.16 3.32
CA PRO A 43 30.75 0.45 4.08
C PRO A 43 31.58 1.40 3.22
N ARG A 44 31.53 1.20 1.91
CA ARG A 44 32.27 2.04 0.98
C ARG A 44 31.58 3.39 0.80
N SER A 45 30.27 3.42 1.00
CA SER A 45 29.50 4.64 0.86
C SER A 45 28.94 5.09 2.20
N LYS A 46 29.36 6.27 2.65
CA LYS A 46 28.89 6.82 3.92
C LYS A 46 28.01 8.04 3.70
N ILE A 47 26.77 7.80 3.25
CA ILE A 47 25.84 8.89 2.99
C ILE A 47 24.42 8.50 3.42
N SER A 48 23.57 9.49 3.62
CA SER A 48 22.19 9.25 4.03
C SER A 48 21.35 10.51 3.86
N PRO A 49 21.06 10.87 2.60
CA PRO A 49 20.26 12.06 2.28
C PRO A 49 18.79 11.89 2.68
N GLN A 50 18.19 10.78 2.27
CA GLN A 50 16.80 10.50 2.59
C GLN A 50 15.92 11.71 2.28
N GLY A 51 16.30 12.46 1.25
CA GLY A 51 15.55 13.64 0.87
C GLY A 51 14.62 13.38 -0.31
N TYR A 52 14.05 12.19 -0.35
CA TYR A 52 13.14 11.81 -1.43
C TYR A 52 11.76 11.50 -0.90
N NH2 A 53 11.41 12.10 0.23
HN1 NH2 A 53 12.06 12.72 0.68
HN2 NH2 A 53 10.52 11.94 0.63
N TYR A 1 -16.95 1.81 12.45
CA TYR A 1 -16.40 1.19 11.25
C TYR A 1 -17.22 -0.04 10.85
N ARG A 2 -17.46 -0.19 9.55
CA ARG A 2 -18.23 -1.32 9.05
C ARG A 2 -17.32 -2.31 8.32
N GLN A 3 -17.45 -3.59 8.66
CA GLN A 3 -16.64 -4.63 8.05
C GLN A 3 -17.41 -5.33 6.92
N SER A 4 -16.68 -6.00 6.04
CA SER A 4 -17.29 -6.70 4.92
C SER A 4 -16.27 -7.61 4.23
N MET A 5 -16.74 -8.34 3.22
CA MET A 5 -15.87 -9.24 2.47
C MET A 5 -16.13 -9.12 0.97
N ASN A 6 -15.52 -10.01 0.19
CA ASN A 6 -15.68 -10.00 -1.26
C ASN A 6 -16.12 -11.37 -1.76
N ASN A 7 -16.85 -11.37 -2.87
CA ASN A 7 -17.33 -12.62 -3.45
C ASN A 7 -16.70 -12.86 -4.82
N PHE A 8 -16.32 -11.78 -5.50
CA PHE A 8 -15.70 -11.87 -6.81
C PHE A 8 -14.22 -11.47 -6.74
N GLN A 9 -13.58 -11.42 -7.90
CA GLN A 9 -12.17 -11.06 -7.97
C GLN A 9 -11.95 -9.64 -7.46
N GLY A 10 -12.50 -8.66 -8.17
CA GLY A 10 -12.35 -7.28 -7.76
C GLY A 10 -12.90 -6.31 -8.78
N LEU A 11 -13.97 -6.71 -9.46
CA LEU A 11 -14.60 -5.87 -10.46
C LEU A 11 -14.97 -4.51 -9.89
N ARG A 12 -15.78 -4.52 -8.84
CA ARG A 12 -16.22 -3.28 -8.19
C ARG A 12 -15.39 -3.01 -6.93
N SER A 13 -14.62 -4.01 -6.51
CA SER A 13 -13.79 -3.88 -5.32
C SER A 13 -12.95 -2.61 -5.37
N PHE A 14 -12.58 -2.20 -6.59
CA PHE A 14 -11.77 -1.01 -6.77
C PHE A 14 -12.58 0.09 -7.46
N GLY A 15 -12.74 -0.03 -8.77
CA GLY A 15 -13.50 0.95 -9.52
C GLY A 15 -13.47 2.32 -8.86
N CYS A 16 -12.28 2.86 -8.69
CA CYS A 16 -12.12 4.17 -8.06
C CYS A 16 -10.80 4.82 -8.49
N ARG A 17 -10.82 5.45 -9.66
CA ARG A 17 -9.63 6.11 -10.19
C ARG A 17 -9.00 7.01 -9.13
N PHE A 18 -9.83 7.76 -8.42
CA PHE A 18 -9.34 8.67 -7.37
C PHE A 18 -10.47 9.05 -6.42
N GLY A 19 -10.10 9.46 -5.22
CA GLY A 19 -11.09 9.84 -4.23
C GLY A 19 -10.93 9.08 -2.93
N THR A 20 -11.76 8.06 -2.73
CA THR A 20 -11.71 7.25 -1.53
C THR A 20 -10.60 6.21 -1.59
N CYS A 21 -10.34 5.72 -2.80
CA CYS A 21 -9.30 4.72 -3.02
C CYS A 21 -8.63 4.92 -4.37
N THR A 22 -7.37 4.50 -4.46
CA THR A 22 -6.61 4.62 -5.71
C THR A 22 -5.24 3.96 -5.58
N VAL A 23 -4.47 4.00 -6.65
CA VAL A 23 -3.14 3.41 -6.67
C VAL A 23 -2.31 3.88 -5.48
N GLN A 24 -2.58 5.10 -5.02
CA GLN A 24 -1.86 5.67 -3.88
C GLN A 24 -2.24 4.95 -2.59
N LYS A 25 -3.53 4.82 -2.34
CA LYS A 25 -4.02 4.14 -1.14
C LYS A 25 -3.77 2.65 -1.22
N LEU A 26 -3.67 2.12 -2.44
CA LEU A 26 -3.42 0.70 -2.66
C LEU A 26 -1.94 0.37 -2.50
N ALA A 27 -1.09 1.21 -3.08
CA ALA A 27 0.36 1.01 -3.00
C ALA A 27 0.83 1.02 -1.56
N HIS A 28 0.01 1.58 -0.68
CA HIS A 28 0.34 1.66 0.74
C HIS A 28 0.71 0.29 1.29
N GLN A 29 0.16 -0.76 0.68
CA GLN A 29 0.43 -2.13 1.10
C GLN A 29 1.46 -2.79 0.20
N ILE A 30 1.62 -2.24 -1.00
CA ILE A 30 2.58 -2.79 -1.96
C ILE A 30 3.96 -2.90 -1.36
N TYR A 31 4.28 -1.98 -0.45
CA TYR A 31 5.58 -1.97 0.21
C TYR A 31 5.46 -2.42 1.67
N GLN A 32 4.33 -3.02 2.00
CA GLN A 32 4.09 -3.51 3.35
C GLN A 32 4.44 -4.98 3.48
N PHE A 33 4.28 -5.72 2.39
CA PHE A 33 4.57 -7.14 2.38
C PHE A 33 6.02 -7.40 1.97
N THR A 34 6.69 -6.34 1.53
CA THR A 34 8.08 -6.45 1.11
C THR A 34 8.98 -5.50 1.90
N ASP A 35 8.77 -4.20 1.70
CA ASP A 35 9.55 -3.19 2.40
C ASP A 35 11.05 -3.46 2.26
N LYS A 36 11.51 -3.54 1.02
CA LYS A 36 12.92 -3.80 0.74
C LYS A 36 13.82 -2.79 1.46
N ASP A 37 15.09 -3.10 1.55
CA ASP A 37 16.05 -2.22 2.21
C ASP A 37 15.96 -0.80 1.65
N LYS A 38 16.33 0.18 2.47
CA LYS A 38 16.30 1.57 2.05
C LYS A 38 17.26 2.42 2.88
N ASP A 39 17.88 3.41 2.24
CA ASP A 39 18.82 4.28 2.92
C ASP A 39 18.19 5.63 3.25
N ASN A 40 16.87 5.60 3.50
CA ASN A 40 16.14 6.82 3.83
C ASN A 40 15.37 6.65 5.13
N VAL A 41 15.86 5.77 5.99
CA VAL A 41 15.22 5.52 7.28
C VAL A 41 16.25 5.13 8.34
N ALA A 42 15.97 5.50 9.59
CA ALA A 42 16.87 5.21 10.69
C ALA A 42 16.78 3.73 11.08
N PRO A 43 17.82 3.23 11.78
CA PRO A 43 17.88 1.85 12.22
C PRO A 43 16.87 1.53 13.32
N ARG A 44 16.68 2.49 14.22
CA ARG A 44 15.75 2.32 15.33
C ARG A 44 14.37 1.89 14.81
N SER A 45 13.85 2.65 13.84
CA SER A 45 12.55 2.35 13.26
C SER A 45 12.48 0.89 12.80
N LYS A 46 13.53 0.44 12.14
CA LYS A 46 13.59 -0.93 11.64
C LYS A 46 13.91 -1.91 12.76
N ILE A 47 13.09 -2.96 12.87
CA ILE A 47 13.29 -3.97 13.89
C ILE A 47 13.42 -5.37 13.29
N SER A 48 13.96 -6.30 14.07
CA SER A 48 14.13 -7.66 13.61
C SER A 48 14.14 -8.64 14.78
N PRO A 49 12.96 -8.87 15.37
CA PRO A 49 12.80 -9.78 16.51
C PRO A 49 13.01 -11.24 16.12
N GLN A 50 12.41 -11.64 15.00
CA GLN A 50 12.53 -13.02 14.52
C GLN A 50 13.98 -13.36 14.21
N GLY A 51 14.79 -12.33 13.97
CA GLY A 51 16.19 -12.55 13.67
C GLY A 51 16.96 -13.11 14.85
N TYR A 52 17.15 -14.42 14.86
CA TYR A 52 17.86 -15.08 15.95
C TYR A 52 19.27 -15.46 15.52
N NH2 A 53 19.77 -14.78 14.49
HN1 NH2 A 53 19.22 -14.07 14.05
HN2 NH2 A 53 20.69 -14.98 14.16
N TYR A 1 -26.81 -18.87 8.67
CA TYR A 1 -26.15 -19.28 7.44
C TYR A 1 -26.89 -18.74 6.22
N ARG A 2 -26.17 -17.99 5.39
CA ARG A 2 -26.75 -17.41 4.19
C ARG A 2 -26.16 -18.05 2.93
N GLN A 3 -24.87 -17.83 2.72
CA GLN A 3 -24.19 -18.39 1.56
C GLN A 3 -22.75 -18.77 1.90
N SER A 4 -22.02 -19.25 0.90
CA SER A 4 -20.63 -19.65 1.10
C SER A 4 -19.78 -18.47 1.54
N MET A 5 -18.48 -18.70 1.70
CA MET A 5 -17.55 -17.66 2.12
C MET A 5 -16.20 -17.83 1.44
N ASN A 6 -15.85 -16.86 0.59
CA ASN A 6 -14.58 -16.90 -0.13
C ASN A 6 -14.36 -15.61 -0.91
N ASN A 7 -13.12 -15.39 -1.33
CA ASN A 7 -12.77 -14.18 -2.08
C ASN A 7 -11.45 -14.38 -2.82
N PHE A 8 -11.44 -14.03 -4.10
CA PHE A 8 -10.25 -14.17 -4.93
C PHE A 8 -9.09 -13.36 -4.34
N GLN A 9 -7.97 -13.34 -5.05
CA GLN A 9 -6.80 -12.61 -4.60
C GLN A 9 -7.02 -11.10 -4.67
N GLY A 10 -7.25 -10.60 -5.88
CA GLY A 10 -7.48 -9.18 -6.06
C GLY A 10 -7.59 -8.79 -7.52
N LEU A 11 -8.73 -9.10 -8.13
CA LEU A 11 -8.95 -8.77 -9.54
C LEU A 11 -10.00 -7.68 -9.68
N ARG A 12 -11.15 -7.87 -9.06
CA ARG A 12 -12.24 -6.90 -9.12
C ARG A 12 -12.24 -6.01 -7.87
N SER A 13 -11.19 -6.11 -7.08
CA SER A 13 -11.07 -5.33 -5.85
C SER A 13 -10.69 -3.88 -6.17
N PHE A 14 -11.62 -3.17 -6.81
CA PHE A 14 -11.39 -1.78 -7.18
C PHE A 14 -12.59 -1.20 -7.93
N GLY A 15 -12.86 0.07 -7.69
CA GLY A 15 -14.00 0.72 -8.35
C GLY A 15 -13.94 2.23 -8.24
N CYS A 16 -12.74 2.76 -8.00
CA CYS A 16 -12.55 4.20 -7.87
C CYS A 16 -11.15 4.61 -8.32
N ARG A 17 -11.08 5.45 -9.34
CA ARG A 17 -9.79 5.92 -9.86
C ARG A 17 -9.08 6.79 -8.84
N PHE A 18 -9.81 7.75 -8.28
CA PHE A 18 -9.24 8.67 -7.29
C PHE A 18 -10.29 9.05 -6.25
N GLY A 19 -9.83 9.31 -5.03
CA GLY A 19 -10.74 9.68 -3.95
C GLY A 19 -10.80 8.64 -2.86
N THR A 20 -11.78 7.75 -2.95
CA THR A 20 -11.96 6.70 -1.97
C THR A 20 -10.83 5.67 -2.04
N CYS A 21 -10.30 5.47 -3.25
CA CYS A 21 -9.21 4.53 -3.46
C CYS A 21 -8.46 4.85 -4.75
N THR A 22 -7.18 4.48 -4.79
CA THR A 22 -6.34 4.73 -5.95
C THR A 22 -4.95 4.14 -5.78
N VAL A 23 -4.14 4.21 -6.82
CA VAL A 23 -2.79 3.68 -6.77
C VAL A 23 -2.02 4.21 -5.56
N GLN A 24 -2.38 5.42 -5.14
CA GLN A 24 -1.74 6.04 -3.98
C GLN A 24 -2.03 5.27 -2.71
N LYS A 25 -3.26 5.36 -2.22
CA LYS A 25 -3.67 4.66 -1.01
C LYS A 25 -3.52 3.15 -1.18
N LEU A 26 -3.44 2.70 -2.43
CA LEU A 26 -3.29 1.28 -2.72
C LEU A 26 -1.83 0.84 -2.59
N ALA A 27 -0.92 1.69 -3.05
CA ALA A 27 0.51 1.38 -2.98
C ALA A 27 0.98 1.32 -1.53
N HIS A 28 0.16 1.84 -0.62
CA HIS A 28 0.49 1.83 0.80
C HIS A 28 0.77 0.42 1.30
N GLN A 29 0.19 -0.56 0.61
CA GLN A 29 0.37 -1.96 0.99
C GLN A 29 1.41 -2.64 0.09
N ILE A 30 1.65 -2.03 -1.07
CA ILE A 30 2.62 -2.57 -2.01
C ILE A 30 3.98 -2.77 -1.36
N TYR A 31 4.32 -1.88 -0.43
CA TYR A 31 5.60 -1.96 0.27
C TYR A 31 5.40 -2.45 1.69
N GLN A 32 4.24 -3.04 1.96
CA GLN A 32 3.93 -3.56 3.29
C GLN A 32 4.20 -5.06 3.36
N PHE A 33 4.05 -5.74 2.23
CA PHE A 33 4.28 -7.19 2.17
C PHE A 33 5.73 -7.49 1.78
N THR A 34 6.43 -6.46 1.30
CA THR A 34 7.82 -6.62 0.89
C THR A 34 8.73 -5.65 1.64
N ASP A 35 8.28 -4.41 1.77
CA ASP A 35 9.06 -3.39 2.47
C ASP A 35 10.48 -3.31 1.92
N LYS A 36 10.59 -3.00 0.63
CA LYS A 36 11.89 -2.90 -0.02
C LYS A 36 12.72 -1.78 0.61
N ASP A 37 12.37 -0.54 0.29
CA ASP A 37 13.07 0.62 0.82
C ASP A 37 13.17 0.55 2.34
N LYS A 38 13.98 1.44 2.92
CA LYS A 38 14.17 1.47 4.36
C LYS A 38 12.98 2.16 5.04
N ASP A 39 12.87 1.97 6.35
CA ASP A 39 11.79 2.57 7.12
C ASP A 39 12.34 3.53 8.17
N ASN A 40 13.23 4.41 7.74
CA ASN A 40 13.84 5.38 8.65
C ASN A 40 13.11 6.72 8.59
N VAL A 41 11.82 6.67 8.24
CA VAL A 41 11.00 7.87 8.16
C VAL A 41 9.70 7.71 8.93
N ALA A 42 9.24 8.80 9.53
CA ALA A 42 8.00 8.79 10.30
C ALA A 42 7.30 10.14 10.24
N PRO A 43 5.99 10.14 10.54
CA PRO A 43 5.17 11.36 10.52
C PRO A 43 5.53 12.31 11.65
N ARG A 44 6.08 11.76 12.73
CA ARG A 44 6.47 12.56 13.89
C ARG A 44 7.79 13.27 13.63
N SER A 45 8.70 12.58 12.95
CA SER A 45 10.02 13.14 12.64
C SER A 45 9.88 14.42 11.83
N LYS A 46 10.56 15.47 12.27
CA LYS A 46 10.53 16.76 11.59
C LYS A 46 11.82 17.54 11.81
N ILE A 47 12.41 18.03 10.72
CA ILE A 47 13.65 18.79 10.82
C ILE A 47 13.41 20.27 10.52
N SER A 48 14.36 21.11 10.92
CA SER A 48 14.24 22.54 10.70
C SER A 48 15.60 23.15 10.37
N PRO A 49 16.13 22.81 9.19
CA PRO A 49 17.44 23.31 8.74
C PRO A 49 17.41 24.80 8.39
N GLN A 50 16.21 25.37 8.43
CA GLN A 50 16.04 26.79 8.11
C GLN A 50 16.03 27.62 9.39
N GLY A 51 15.67 26.99 10.51
CA GLY A 51 15.63 27.70 11.77
C GLY A 51 16.88 27.45 12.61
N TYR A 52 17.87 28.31 12.44
CA TYR A 52 19.12 28.19 13.19
C TYR A 52 19.03 28.92 14.52
N NH2 A 53 17.98 28.66 15.27
HN1 NH2 A 53 17.29 28.01 14.94
HN2 NH2 A 53 17.86 29.11 16.16
N TYR A 1 4.57 -18.59 5.96
CA TYR A 1 4.04 -17.30 5.55
C TYR A 1 3.10 -17.45 4.35
N ARG A 2 2.21 -16.49 4.18
CA ARG A 2 1.25 -16.52 3.07
C ARG A 2 0.90 -15.10 2.63
N GLN A 3 0.09 -15.01 1.57
CA GLN A 3 -0.33 -13.71 1.05
C GLN A 3 -1.82 -13.70 0.76
N SER A 4 -2.36 -12.51 0.49
CA SER A 4 -3.78 -12.36 0.19
C SER A 4 -4.09 -12.79 -1.23
N MET A 5 -5.34 -13.16 -1.47
CA MET A 5 -5.77 -13.58 -2.81
C MET A 5 -7.23 -13.23 -3.04
N ASN A 6 -7.62 -13.17 -4.31
CA ASN A 6 -9.00 -12.84 -4.68
C ASN A 6 -9.51 -13.79 -5.76
N ASN A 7 -10.83 -14.01 -5.76
CA ASN A 7 -11.45 -14.89 -6.74
C ASN A 7 -12.90 -14.50 -6.98
N PHE A 8 -13.15 -13.84 -8.10
CA PHE A 8 -14.50 -13.40 -8.44
C PHE A 8 -14.52 -12.78 -9.84
N GLN A 9 -15.69 -12.27 -10.23
CA GLN A 9 -15.85 -11.63 -11.53
C GLN A 9 -15.11 -10.30 -11.59
N GLY A 10 -15.54 -9.36 -10.76
CA GLY A 10 -14.91 -8.06 -10.73
C GLY A 10 -15.60 -7.10 -9.78
N LEU A 11 -15.24 -7.18 -8.50
CA LEU A 11 -15.83 -6.31 -7.49
C LEU A 11 -14.76 -5.46 -6.81
N ARG A 12 -13.68 -6.11 -6.37
CA ARG A 12 -12.60 -5.41 -5.70
C ARG A 12 -11.46 -5.12 -6.68
N SER A 13 -11.66 -5.50 -7.94
CA SER A 13 -10.65 -5.28 -8.97
C SER A 13 -10.33 -3.79 -9.12
N PHE A 14 -11.36 -3.01 -9.43
CA PHE A 14 -11.20 -1.57 -9.60
C PHE A 14 -12.54 -0.91 -9.94
N GLY A 15 -12.75 0.29 -9.40
CA GLY A 15 -13.99 1.01 -9.64
C GLY A 15 -14.06 2.32 -8.89
N CYS A 16 -12.90 2.89 -8.60
CA CYS A 16 -12.84 4.16 -7.86
C CYS A 16 -11.96 5.17 -8.61
N ARG A 17 -10.79 4.72 -9.05
CA ARG A 17 -9.87 5.59 -9.77
C ARG A 17 -9.19 6.57 -8.82
N PHE A 18 -9.99 7.41 -8.17
CA PHE A 18 -9.46 8.39 -7.24
C PHE A 18 -10.53 8.80 -6.21
N GLY A 19 -10.09 9.00 -4.97
CA GLY A 19 -11.02 9.39 -3.92
C GLY A 19 -11.24 8.27 -2.91
N THR A 20 -10.45 8.27 -1.85
CA THR A 20 -10.56 7.25 -0.81
C THR A 20 -10.35 5.85 -1.38
N CYS A 21 -9.73 5.80 -2.56
CA CYS A 21 -9.46 4.52 -3.22
C CYS A 21 -8.73 4.74 -4.54
N THR A 22 -7.45 4.36 -4.58
CA THR A 22 -6.64 4.52 -5.77
C THR A 22 -5.29 3.84 -5.62
N VAL A 23 -4.47 3.90 -6.67
CA VAL A 23 -3.15 3.30 -6.64
C VAL A 23 -2.32 3.81 -5.47
N GLN A 24 -2.58 5.06 -5.07
CA GLN A 24 -1.87 5.66 -3.96
C GLN A 24 -2.26 5.02 -2.64
N LYS A 25 -3.56 4.77 -2.47
CA LYS A 25 -4.06 4.15 -1.25
C LYS A 25 -3.83 2.64 -1.27
N LEU A 26 -3.68 2.08 -2.46
CA LEU A 26 -3.46 0.65 -2.62
C LEU A 26 -1.98 0.31 -2.46
N ALA A 27 -1.11 1.18 -2.99
CA ALA A 27 0.32 0.97 -2.91
C ALA A 27 0.79 1.00 -1.46
N HIS A 28 -0.06 1.50 -0.57
CA HIS A 28 0.27 1.59 0.85
C HIS A 28 0.65 0.21 1.40
N GLN A 29 0.13 -0.83 0.75
CA GLN A 29 0.42 -2.21 1.18
C GLN A 29 1.47 -2.85 0.29
N ILE A 30 1.70 -2.25 -0.88
CA ILE A 30 2.68 -2.76 -1.83
C ILE A 30 4.07 -2.84 -1.18
N TYR A 31 4.34 -1.90 -0.28
CA TYR A 31 5.63 -1.86 0.40
C TYR A 31 5.50 -2.33 1.85
N GLN A 32 4.38 -2.98 2.16
CA GLN A 32 4.13 -3.47 3.51
C GLN A 32 4.52 -4.94 3.63
N PHE A 33 4.33 -5.69 2.55
CA PHE A 33 4.67 -7.11 2.53
C PHE A 33 6.13 -7.32 2.16
N THR A 34 6.79 -6.24 1.74
CA THR A 34 8.20 -6.31 1.35
C THR A 34 9.04 -5.35 2.18
N ASP A 35 8.73 -4.06 2.06
CA ASP A 35 9.47 -3.04 2.80
C ASP A 35 10.97 -3.19 2.60
N LYS A 36 11.40 -3.18 1.34
CA LYS A 36 12.81 -3.33 1.02
C LYS A 36 13.65 -2.30 1.77
N ASP A 37 14.96 -2.53 1.80
CA ASP A 37 15.87 -1.62 2.50
C ASP A 37 16.26 -0.45 1.60
N LYS A 38 16.10 0.77 2.12
CA LYS A 38 16.44 1.97 1.37
C LYS A 38 17.95 2.19 1.34
N ASP A 39 18.44 2.77 0.25
CA ASP A 39 19.86 3.04 0.11
C ASP A 39 20.37 3.91 1.26
N ASN A 40 19.46 4.66 1.87
CA ASN A 40 19.82 5.54 2.97
C ASN A 40 18.85 5.36 4.15
N VAL A 41 18.99 4.24 4.85
CA VAL A 41 18.14 3.94 6.00
C VAL A 41 18.98 3.73 7.26
N ALA A 42 18.43 4.15 8.39
CA ALA A 42 19.12 4.00 9.67
C ALA A 42 18.90 2.61 10.25
N PRO A 43 19.78 2.21 11.18
CA PRO A 43 19.71 0.90 11.83
C PRO A 43 18.53 0.78 12.76
N ARG A 44 18.11 1.91 13.34
CA ARG A 44 16.98 1.93 14.26
C ARG A 44 15.76 1.26 13.63
N SER A 45 15.49 1.61 12.38
CA SER A 45 14.35 1.05 11.67
C SER A 45 14.36 -0.48 11.74
N LYS A 46 13.17 -1.07 11.69
CA LYS A 46 13.03 -2.52 11.75
C LYS A 46 13.93 -3.19 10.71
N ILE A 47 14.77 -4.11 11.17
CA ILE A 47 15.68 -4.82 10.28
C ILE A 47 15.09 -6.17 9.88
N SER A 48 15.64 -6.74 8.80
CA SER A 48 15.17 -8.03 8.31
C SER A 48 16.34 -8.88 7.84
N PRO A 49 17.17 -9.32 8.79
CA PRO A 49 18.34 -10.16 8.51
C PRO A 49 17.96 -11.56 8.07
N GLN A 50 16.97 -12.14 8.74
CA GLN A 50 16.51 -13.49 8.41
C GLN A 50 17.66 -14.49 8.47
N GLY A 51 18.68 -14.16 9.26
CA GLY A 51 19.82 -15.04 9.39
C GLY A 51 19.76 -15.90 10.64
N TYR A 52 18.60 -16.49 10.89
CA TYR A 52 18.41 -17.33 12.06
C TYR A 52 18.27 -18.80 11.66
N NH2 A 53 18.86 -19.14 10.52
HN1 NH2 A 53 19.36 -18.47 9.99
HN2 NH2 A 53 18.82 -20.09 10.21
#